data_2YG1
#
_entry.id   2YG1
#
_cell.length_a   60.511
_cell.length_b   84.103
_cell.length_c   75.877
_cell.angle_alpha   90.00
_cell.angle_beta   103.36
_cell.angle_gamma   90.00
#
_symmetry.space_group_name_H-M   'P 1 21 1'
#
loop_
_entity.id
_entity.type
_entity.pdbx_description
1 polymer 'CELLULOSE 1,4-BETA-CELLOBIOSIDASE'
2 branched 2-acetamido-2-deoxy-beta-D-glucopyranose-(1-4)-2-acetamido-2-deoxy-beta-D-glucopyranose
3 non-polymer 'MAGNESIUM ION'
4 water water
#
_entity_poly.entity_id   1
_entity_poly.type   'polypeptide(L)'
_entity_poly.pdbx_seq_one_letter_code
;(PCA)QVGTQTAENHPKLTVSQCSAGGSCTTESRSVVLDSNWRWLHTTSGTTNCYTGNTWDASLCPDPVTCAQNCALDGA
DYSGTYGISTSGNALTLKFVTNGPYSTNIGSRVYLMSADDTNYEIFKLKNQEFAFDVDMSNLPCGLNGALYFVEMDADGG
LSRFPNNKAGSKYGTGYCDTQCPQDIKFINGEANILGWTPSSSDSNAGTGQYGSCCNEMDVWEANINSAAVTPHVCNVQG
QTRCSGTQCGDGDERYDGICDKDGCDFNSFRMGNQTFLGPGKTVNTNSKFTVVTQFLTSDNTTTGTLHEIRRLYVQNGKV
IANSKTNIAGMSQFDSITDDFCNAQKTAFGDTNSFENLGGLNVMGQAFDKGVVLVMSVWDDHEANMLWLDSDYPTTSSAS
TPGVARGTCATTSGVPANVESQNPNSSVVFSNIKIGPIGSTYTA
;
_entity_poly.pdbx_strand_id   A,B
#
# COMPACT_ATOMS: atom_id res chain seq x y z
N GLN A 2 -17.19 -14.80 6.32
CA GLN A 2 -16.85 -16.13 6.83
C GLN A 2 -16.83 -17.17 5.70
N VAL A 3 -16.50 -18.41 6.06
CA VAL A 3 -16.49 -19.53 5.10
C VAL A 3 -17.76 -20.36 5.19
N GLY A 4 -18.50 -20.43 4.09
CA GLY A 4 -19.67 -21.29 3.98
C GLY A 4 -19.22 -22.70 3.70
N THR A 5 -19.91 -23.68 4.30
CA THR A 5 -19.51 -25.08 4.17
C THR A 5 -20.58 -25.97 3.53
N GLN A 6 -21.63 -25.34 2.96
CA GLN A 6 -22.71 -26.08 2.32
C GLN A 6 -22.20 -26.82 1.09
N THR A 7 -21.32 -26.16 0.35
CA THR A 7 -20.85 -26.64 -0.93
C THR A 7 -19.33 -26.55 -0.98
N ALA A 8 -18.67 -27.67 -1.25
CA ALA A 8 -17.21 -27.70 -1.34
C ALA A 8 -16.71 -26.75 -2.43
N GLU A 9 -15.62 -26.05 -2.15
CA GLU A 9 -14.95 -25.18 -3.11
C GLU A 9 -13.75 -25.91 -3.73
N ASN A 10 -13.87 -26.27 -5.00
CA ASN A 10 -12.77 -26.89 -5.74
C ASN A 10 -12.42 -26.03 -6.94
N HIS A 11 -11.24 -25.43 -6.91
CA HIS A 11 -10.78 -24.57 -7.99
C HIS A 11 -10.48 -25.37 -9.27
N PRO A 12 -11.17 -25.06 -10.39
CA PRO A 12 -10.87 -25.76 -11.64
C PRO A 12 -9.39 -25.70 -11.99
N LYS A 13 -8.81 -26.84 -12.31
CA LYS A 13 -7.38 -26.89 -12.58
C LYS A 13 -7.04 -26.26 -13.92
N LEU A 14 -5.88 -25.60 -14.00
CA LEU A 14 -5.38 -25.03 -15.26
C LEU A 14 -3.86 -25.15 -15.31
N THR A 15 -3.36 -25.69 -16.42
CA THR A 15 -1.92 -25.83 -16.64
C THR A 15 -1.36 -24.56 -17.27
N VAL A 16 -0.30 -24.01 -16.69
CA VAL A 16 0.41 -22.86 -17.26
C VAL A 16 1.89 -23.20 -17.40
N SER A 17 2.67 -22.30 -17.99
CA SER A 17 4.09 -22.59 -18.23
C SER A 17 5.03 -21.51 -17.72
N GLN A 18 6.21 -21.95 -17.31
CA GLN A 18 7.31 -21.08 -16.93
C GLN A 18 8.45 -21.34 -17.92
N CYS A 19 8.95 -20.28 -18.55
CA CYS A 19 9.96 -20.41 -19.59
C CYS A 19 11.31 -19.88 -19.15
N SER A 20 12.36 -20.41 -19.78
CA SER A 20 13.72 -19.97 -19.48
C SER A 20 14.37 -19.38 -20.72
N ALA A 21 15.44 -18.62 -20.48
CA ALA A 21 16.28 -18.14 -21.57
C ALA A 21 16.59 -19.29 -22.53
N GLY A 22 16.44 -19.05 -23.81
CA GLY A 22 16.61 -20.10 -24.82
C GLY A 22 15.30 -20.68 -25.36
N GLY A 23 14.23 -20.52 -24.59
CA GLY A 23 12.90 -20.90 -25.05
C GLY A 23 12.31 -22.16 -24.44
N SER A 24 13.06 -22.81 -23.56
CA SER A 24 12.55 -24.02 -22.90
C SER A 24 11.54 -23.63 -21.84
N CYS A 25 10.33 -24.18 -21.97
CA CYS A 25 9.27 -23.95 -21.00
C CYS A 25 8.89 -25.26 -20.31
N THR A 26 8.49 -25.15 -19.05
CA THR A 26 8.02 -26.30 -18.28
C THR A 26 6.59 -26.02 -17.86
N THR A 27 5.79 -27.07 -17.73
CA THR A 27 4.41 -26.91 -17.28
C THR A 27 4.30 -26.91 -15.75
N GLU A 28 3.25 -26.26 -15.27
CA GLU A 28 3.03 -25.99 -13.86
C GLU A 28 1.56 -26.23 -13.56
N SER A 29 1.29 -26.87 -12.44
CA SER A 29 -0.05 -27.17 -12.02
C SER A 29 -0.63 -25.98 -11.27
N ARG A 30 -1.59 -25.30 -11.90
CA ARG A 30 -2.25 -24.18 -11.23
C ARG A 30 -3.76 -24.37 -11.30
N SER A 31 -4.51 -23.32 -10.99
CA SER A 31 -5.96 -23.42 -10.97
C SER A 31 -6.54 -22.02 -10.89
N VAL A 32 -7.86 -21.93 -10.95
CA VAL A 32 -8.56 -20.63 -10.96
C VAL A 32 -9.64 -20.60 -9.88
N VAL A 33 -9.94 -19.40 -9.39
CA VAL A 33 -10.93 -19.21 -8.34
C VAL A 33 -11.90 -18.11 -8.72
N LEU A 34 -13.18 -18.34 -8.44
CA LEU A 34 -14.20 -17.34 -8.72
C LEU A 34 -14.18 -16.18 -7.72
N ASP A 35 -14.23 -14.96 -8.23
CA ASP A 35 -14.36 -13.76 -7.38
C ASP A 35 -15.54 -13.88 -6.42
N SER A 36 -15.32 -13.41 -5.19
CA SER A 36 -16.27 -13.57 -4.07
C SER A 36 -17.63 -12.88 -4.28
N ASN A 37 -17.64 -11.79 -5.04
CA ASN A 37 -18.92 -11.10 -5.39
C ASN A 37 -19.99 -11.98 -6.04
N TRP A 38 -19.57 -13.03 -6.75
CA TRP A 38 -20.48 -13.93 -7.44
C TRP A 38 -21.08 -15.02 -6.53
N ARG A 39 -20.48 -15.19 -5.36
CA ARG A 39 -20.79 -16.33 -4.49
C ARG A 39 -22.07 -16.17 -3.69
N TRP A 40 -22.70 -17.31 -3.42
CA TRP A 40 -23.81 -17.38 -2.46
C TRP A 40 -23.30 -16.95 -1.08
N LEU A 41 -24.04 -16.03 -0.45
CA LEU A 41 -23.67 -15.46 0.85
C LEU A 41 -24.80 -15.65 1.86
N HIS A 42 -24.50 -16.33 2.96
CA HIS A 42 -25.53 -16.80 3.89
C HIS A 42 -25.00 -16.98 5.31
N THR A 43 -25.92 -17.27 6.24
CA THR A 43 -25.55 -17.55 7.63
C THR A 43 -24.87 -18.91 7.78
N THR A 44 -24.26 -19.17 8.93
CA THR A 44 -23.69 -20.48 9.24
C THR A 44 -24.74 -21.59 9.08
N SER A 45 -25.98 -21.24 9.41
CA SER A 45 -27.17 -22.11 9.46
C SER A 45 -27.63 -22.32 10.90
N GLY A 46 -28.90 -22.04 11.22
CA GLY A 46 -29.98 -21.73 10.26
C GLY A 46 -29.69 -20.85 9.06
N THR A 47 -29.72 -21.47 7.88
CA THR A 47 -29.32 -20.88 6.59
C THR A 47 -30.32 -19.90 5.95
N THR A 48 -29.94 -18.63 6.00
CA THR A 48 -30.69 -17.51 5.42
C THR A 48 -29.67 -16.69 4.66
N ASN A 49 -30.07 -16.17 3.50
CA ASN A 49 -29.21 -15.32 2.69
C ASN A 49 -28.93 -13.99 3.37
N CYS A 50 -27.66 -13.57 3.36
CA CYS A 50 -27.27 -12.24 3.80
C CYS A 50 -27.47 -11.23 2.68
N TYR A 51 -27.50 -11.74 1.45
CA TYR A 51 -27.58 -10.94 0.24
C TYR A 51 -28.27 -11.75 -0.84
N THR A 52 -29.14 -11.09 -1.63
CA THR A 52 -29.78 -11.68 -2.81
C THR A 52 -30.08 -10.59 -3.84
N GLY A 53 -29.73 -10.85 -5.10
CA GLY A 53 -29.96 -9.88 -6.17
C GLY A 53 -29.07 -8.66 -6.00
N ASN A 54 -29.64 -7.59 -5.46
CA ASN A 54 -28.87 -6.40 -5.09
C ASN A 54 -29.26 -5.80 -3.73
N THR A 55 -29.83 -6.63 -2.85
CA THR A 55 -30.20 -6.18 -1.51
C THR A 55 -29.60 -7.04 -0.41
N TRP A 56 -29.44 -6.44 0.78
CA TRP A 56 -28.92 -7.10 1.98
C TRP A 56 -30.04 -7.43 2.95
N ASP A 57 -29.81 -8.46 3.76
CA ASP A 57 -30.66 -8.77 4.91
C ASP A 57 -30.25 -7.86 6.07
N ALA A 58 -31.09 -6.89 6.39
CA ALA A 58 -30.75 -5.88 7.40
C ALA A 58 -30.65 -6.42 8.83
N SER A 59 -31.37 -7.50 9.14
CA SER A 59 -31.32 -8.12 10.47
C SER A 59 -29.97 -8.78 10.74
N LEU A 60 -29.38 -9.37 9.71
CA LEU A 60 -28.09 -10.04 9.83
C LEU A 60 -26.94 -9.07 9.60
N CYS A 61 -27.23 -7.97 8.92
CA CYS A 61 -26.25 -6.96 8.57
C CYS A 61 -26.67 -5.58 9.02
N PRO A 62 -26.81 -5.38 10.35
CA PRO A 62 -27.20 -4.06 10.85
C PRO A 62 -26.08 -3.03 10.72
N ASP A 63 -24.83 -3.51 10.63
CA ASP A 63 -23.64 -2.69 10.40
C ASP A 63 -22.60 -3.54 9.65
N PRO A 64 -21.58 -2.90 9.04
CA PRO A 64 -20.58 -3.62 8.23
C PRO A 64 -19.87 -4.76 8.96
N VAL A 65 -19.55 -4.57 10.24
CA VAL A 65 -18.76 -5.54 11.00
C VAL A 65 -19.60 -6.77 11.38
N THR A 66 -20.77 -6.54 11.98
CA THR A 66 -21.71 -7.62 12.30
C THR A 66 -22.04 -8.46 11.05
N CYS A 67 -22.20 -7.79 9.91
CA CYS A 67 -22.49 -8.44 8.62
C CYS A 67 -21.37 -9.41 8.24
N ALA A 68 -20.13 -8.93 8.24
CA ALA A 68 -18.96 -9.77 7.96
C ALA A 68 -18.86 -10.95 8.92
N GLN A 69 -19.20 -10.71 10.19
CA GLN A 69 -19.15 -11.74 11.22
C GLN A 69 -20.21 -12.82 11.04
N ASN A 70 -21.39 -12.41 10.58
CA ASN A 70 -22.54 -13.32 10.38
C ASN A 70 -22.61 -14.02 9.04
N CYS A 71 -21.87 -13.53 8.05
CA CYS A 71 -22.12 -13.89 6.67
C CYS A 71 -20.97 -14.66 6.01
N ALA A 72 -21.32 -15.81 5.43
CA ALA A 72 -20.35 -16.77 4.90
C ALA A 72 -20.48 -16.95 3.39
N LEU A 73 -19.34 -16.89 2.70
CA LEU A 73 -19.22 -17.14 1.26
C LEU A 73 -19.08 -18.64 1.02
N ASP A 74 -19.88 -19.19 0.12
CA ASP A 74 -19.86 -20.64 -0.08
C ASP A 74 -19.17 -21.04 -1.38
N GLY A 75 -19.07 -22.35 -1.58
CA GLY A 75 -18.43 -22.93 -2.76
C GLY A 75 -19.23 -22.69 -4.02
N ALA A 76 -18.55 -22.82 -5.16
CA ALA A 76 -19.19 -22.52 -6.44
C ALA A 76 -19.27 -23.73 -7.36
N ASP A 77 -20.40 -23.83 -8.06
CA ASP A 77 -20.58 -24.79 -9.12
C ASP A 77 -20.12 -24.13 -10.41
N TYR A 78 -18.83 -24.27 -10.70
CA TYR A 78 -18.15 -23.46 -11.72
C TYR A 78 -18.78 -23.52 -13.11
N SER A 79 -18.96 -24.72 -13.65
CA SER A 79 -19.49 -24.86 -15.00
C SER A 79 -21.00 -24.63 -15.06
N GLY A 80 -21.74 -25.34 -14.21
CA GLY A 80 -23.20 -25.34 -14.27
C GLY A 80 -23.85 -24.03 -13.86
N THR A 81 -23.21 -23.31 -12.95
CA THR A 81 -23.77 -22.06 -12.46
C THR A 81 -23.13 -20.83 -13.10
N TYR A 82 -21.81 -20.88 -13.30
CA TYR A 82 -21.06 -19.69 -13.72
C TYR A 82 -20.46 -19.75 -15.11
N GLY A 83 -20.66 -20.88 -15.79
CA GLY A 83 -20.12 -21.08 -17.15
C GLY A 83 -18.60 -21.06 -17.27
N ILE A 84 -17.92 -21.44 -16.19
CA ILE A 84 -16.45 -21.48 -16.18
C ILE A 84 -16.00 -22.93 -16.27
N SER A 85 -15.09 -23.20 -17.18
CA SER A 85 -14.56 -24.55 -17.29
C SER A 85 -13.12 -24.51 -17.77
N THR A 86 -12.38 -25.56 -17.46
CA THR A 86 -11.01 -25.66 -17.92
C THR A 86 -10.80 -27.01 -18.56
N SER A 87 -9.91 -27.05 -19.54
CA SER A 87 -9.45 -28.28 -20.14
C SER A 87 -7.98 -28.09 -20.50
N GLY A 88 -7.12 -28.89 -19.87
CA GLY A 88 -5.68 -28.78 -20.09
C GLY A 88 -5.17 -27.40 -19.73
N ASN A 89 -4.73 -26.65 -20.74
CA ASN A 89 -4.20 -25.31 -20.51
C ASN A 89 -5.15 -24.20 -20.94
N ALA A 90 -6.42 -24.55 -21.14
CA ALA A 90 -7.41 -23.61 -21.68
C ALA A 90 -8.53 -23.36 -20.69
N LEU A 91 -8.82 -22.08 -20.48
CA LEU A 91 -9.92 -21.62 -19.66
C LEU A 91 -10.99 -21.06 -20.57
N THR A 92 -12.21 -21.57 -20.41
CA THR A 92 -13.37 -21.07 -21.14
C THR A 92 -14.28 -20.30 -20.19
N LEU A 93 -14.59 -19.06 -20.55
CA LEU A 93 -15.48 -18.23 -19.78
C LEU A 93 -16.69 -17.87 -20.65
N LYS A 94 -17.84 -18.44 -20.30
CA LYS A 94 -19.07 -18.16 -21.04
C LYS A 94 -19.78 -16.93 -20.49
N PHE A 95 -20.41 -16.17 -21.38
CA PHE A 95 -21.02 -14.89 -21.01
C PHE A 95 -22.28 -15.02 -20.15
N VAL A 96 -23.30 -15.71 -20.63
CA VAL A 96 -24.56 -15.82 -19.91
C VAL A 96 -24.80 -17.28 -19.56
N THR A 97 -25.01 -17.55 -18.28
CA THR A 97 -25.35 -18.90 -17.84
C THR A 97 -26.71 -18.87 -17.13
N ASN A 98 -27.71 -19.42 -17.80
CA ASN A 98 -29.09 -19.44 -17.28
C ASN A 98 -29.29 -20.45 -16.16
N GLY A 99 -30.27 -20.16 -15.30
CA GLY A 99 -30.68 -21.09 -14.26
C GLY A 99 -32.18 -21.00 -14.01
N PRO A 100 -32.72 -21.92 -13.21
CA PRO A 100 -34.15 -21.96 -12.89
C PRO A 100 -34.65 -20.69 -12.21
N TYR A 101 -33.80 -20.04 -11.41
CA TYR A 101 -34.23 -18.89 -10.61
C TYR A 101 -33.43 -17.60 -10.85
N SER A 102 -32.39 -17.68 -11.67
CA SER A 102 -31.51 -16.55 -11.92
C SER A 102 -30.66 -16.75 -13.16
N THR A 103 -30.06 -15.66 -13.63
CA THR A 103 -29.17 -15.69 -14.77
C THR A 103 -27.84 -15.12 -14.33
N ASN A 104 -26.76 -15.85 -14.58
CA ASN A 104 -25.43 -15.36 -14.27
C ASN A 104 -24.82 -14.71 -15.50
N ILE A 105 -24.39 -13.47 -15.33
CA ILE A 105 -23.80 -12.72 -16.44
C ILE A 105 -22.34 -12.43 -16.14
N GLY A 106 -21.47 -12.88 -17.06
CA GLY A 106 -20.05 -12.70 -16.88
C GLY A 106 -19.49 -13.51 -15.73
N SER A 107 -18.17 -13.42 -15.58
CA SER A 107 -17.46 -14.00 -14.45
C SER A 107 -16.11 -13.32 -14.36
N ARG A 108 -15.48 -13.44 -13.21
CA ARG A 108 -14.10 -12.97 -13.00
C ARG A 108 -13.39 -13.97 -12.10
N VAL A 109 -12.25 -14.46 -12.58
CA VAL A 109 -11.46 -15.46 -11.84
C VAL A 109 -10.01 -15.01 -11.62
N TYR A 110 -9.33 -15.62 -10.64
CA TYR A 110 -7.91 -15.33 -10.39
C TYR A 110 -7.09 -16.62 -10.44
N LEU A 111 -5.85 -16.50 -10.91
CA LEU A 111 -4.97 -17.68 -10.96
C LEU A 111 -4.40 -17.97 -9.58
N MET A 112 -4.65 -19.19 -9.09
CA MET A 112 -4.13 -19.67 -7.83
C MET A 112 -2.68 -20.12 -7.98
N SER A 113 -1.92 -20.02 -6.89
CA SER A 113 -0.54 -20.51 -6.85
C SER A 113 -0.50 -22.03 -6.74
N ALA A 114 0.71 -22.60 -6.63
CA ALA A 114 0.88 -24.04 -6.47
C ALA A 114 0.16 -24.61 -5.24
N ASP A 115 0.03 -23.80 -4.18
CA ASP A 115 -0.62 -24.27 -2.95
C ASP A 115 -2.15 -24.36 -3.00
N ASP A 116 -2.74 -23.85 -4.09
CA ASP A 116 -4.21 -23.85 -4.31
C ASP A 116 -5.04 -23.12 -3.23
N THR A 117 -4.38 -22.24 -2.49
CA THR A 117 -4.98 -21.47 -1.39
C THR A 117 -4.74 -19.97 -1.58
N ASN A 118 -3.50 -19.59 -1.87
CA ASN A 118 -3.16 -18.20 -2.17
C ASN A 118 -3.06 -17.96 -3.67
N TYR A 119 -3.35 -16.75 -4.10
CA TYR A 119 -3.17 -16.36 -5.49
C TYR A 119 -1.71 -16.46 -5.89
N GLU A 120 -1.48 -16.82 -7.15
CA GLU A 120 -0.14 -16.78 -7.74
C GLU A 120 0.29 -15.32 -7.80
N ILE A 121 1.52 -15.05 -7.39
CA ILE A 121 2.02 -13.69 -7.47
C ILE A 121 3.00 -13.60 -8.63
N PHE A 122 2.73 -12.65 -9.52
CA PHE A 122 3.60 -12.39 -10.67
C PHE A 122 4.48 -11.18 -10.43
N LYS A 123 5.76 -11.31 -10.79
CA LYS A 123 6.74 -10.23 -10.68
C LYS A 123 7.18 -9.83 -12.09
N LEU A 124 6.45 -8.90 -12.71
CA LEU A 124 6.51 -8.75 -14.17
C LEU A 124 7.67 -7.95 -14.74
N LYS A 125 8.35 -7.15 -13.91
CA LYS A 125 9.46 -6.31 -14.38
C LYS A 125 10.57 -7.15 -14.99
N ASN A 126 11.03 -6.77 -16.18
CA ASN A 126 12.08 -7.49 -16.92
C ASN A 126 11.60 -8.88 -17.35
N GLN A 127 10.29 -9.03 -17.48
CA GLN A 127 9.69 -10.30 -17.85
C GLN A 127 8.75 -10.13 -19.01
N GLU A 128 8.38 -11.26 -19.60
CA GLU A 128 7.53 -11.34 -20.75
C GLU A 128 6.37 -12.26 -20.36
N PHE A 129 5.15 -11.88 -20.71
CA PHE A 129 3.98 -12.70 -20.44
C PHE A 129 3.28 -13.01 -21.76
N ALA A 130 3.02 -14.29 -22.00
CA ALA A 130 2.34 -14.73 -23.21
C ALA A 130 1.09 -15.53 -22.90
N PHE A 131 0.09 -15.40 -23.77
CA PHE A 131 -1.07 -16.27 -23.73
C PHE A 131 -1.69 -16.34 -25.12
N ASP A 132 -2.53 -17.35 -25.32
CA ASP A 132 -3.31 -17.46 -26.54
C ASP A 132 -4.74 -17.09 -26.22
N VAL A 133 -5.41 -16.47 -27.19
CA VAL A 133 -6.82 -16.11 -27.03
C VAL A 133 -7.62 -16.47 -28.29
N ASP A 134 -8.84 -16.92 -28.09
CA ASP A 134 -9.83 -17.02 -29.16
C ASP A 134 -11.01 -16.12 -28.81
N MET A 135 -11.19 -15.09 -29.62
CA MET A 135 -12.26 -14.11 -29.41
C MET A 135 -13.37 -14.22 -30.46
N SER A 136 -13.40 -15.31 -31.21
CA SER A 136 -14.40 -15.46 -32.29
C SER A 136 -15.84 -15.32 -31.79
N ASN A 137 -16.04 -15.63 -30.51
CA ASN A 137 -17.34 -15.51 -29.85
C ASN A 137 -17.51 -14.29 -28.96
N LEU A 138 -16.72 -13.25 -29.17
CA LEU A 138 -16.90 -12.00 -28.46
C LEU A 138 -17.24 -10.88 -29.44
N PRO A 139 -18.53 -10.55 -29.56
CA PRO A 139 -18.94 -9.46 -30.46
C PRO A 139 -18.83 -8.07 -29.82
N CYS A 140 -19.25 -7.04 -30.57
CA CYS A 140 -19.42 -5.69 -30.02
C CYS A 140 -20.06 -5.74 -28.64
N GLY A 141 -19.56 -4.89 -27.75
CA GLY A 141 -20.15 -4.72 -26.43
C GLY A 141 -19.65 -5.69 -25.38
N LEU A 142 -18.86 -6.68 -25.80
CA LEU A 142 -18.25 -7.63 -24.87
C LEU A 142 -16.76 -7.37 -24.65
N ASN A 143 -16.25 -7.89 -23.54
CA ASN A 143 -14.84 -7.75 -23.19
C ASN A 143 -14.35 -9.05 -22.57
N GLY A 144 -13.39 -9.69 -23.24
CA GLY A 144 -12.68 -10.81 -22.62
C GLY A 144 -11.40 -10.19 -22.15
N ALA A 145 -11.23 -10.06 -20.84
CA ALA A 145 -10.06 -9.37 -20.29
C ALA A 145 -9.09 -10.32 -19.59
N LEU A 146 -7.81 -10.11 -19.86
CA LEU A 146 -6.75 -10.71 -19.07
C LEU A 146 -5.91 -9.56 -18.57
N TYR A 147 -5.76 -9.48 -17.25
CA TYR A 147 -5.02 -8.38 -16.64
C TYR A 147 -4.44 -8.73 -15.29
N PHE A 148 -3.66 -7.79 -14.75
CA PHE A 148 -3.05 -7.96 -13.44
C PHE A 148 -3.46 -6.84 -12.50
N VAL A 149 -3.73 -7.19 -11.24
CA VAL A 149 -4.00 -6.19 -10.19
C VAL A 149 -3.16 -6.44 -8.94
N GLU A 150 -2.91 -5.38 -8.19
CA GLU A 150 -2.05 -5.44 -7.02
C GLU A 150 -2.80 -5.92 -5.78
N MET A 151 -3.48 -7.05 -5.92
CA MET A 151 -4.18 -7.71 -4.81
C MET A 151 -3.20 -8.37 -3.85
N ASP A 152 -3.60 -8.56 -2.60
CA ASP A 152 -2.84 -9.37 -1.65
C ASP A 152 -2.84 -10.83 -2.11
N ALA A 153 -1.73 -11.54 -1.91
CA ALA A 153 -1.67 -12.96 -2.25
C ALA A 153 -2.76 -13.79 -1.56
N ASP A 154 -3.15 -13.38 -0.35
CA ASP A 154 -4.20 -14.09 0.40
C ASP A 154 -5.58 -13.41 0.31
N GLY A 155 -5.73 -12.48 -0.62
CA GLY A 155 -7.00 -11.76 -0.79
C GLY A 155 -7.52 -11.03 0.45
N GLY A 156 -6.63 -10.71 1.38
CA GLY A 156 -7.00 -9.96 2.58
C GLY A 156 -7.20 -10.78 3.83
N LEU A 157 -6.90 -12.09 3.76
CA LEU A 157 -7.07 -12.98 4.91
C LEU A 157 -6.31 -12.51 6.16
N SER A 158 -5.02 -12.20 6.00
CA SER A 158 -4.17 -11.86 7.14
C SER A 158 -4.28 -10.39 7.55
N ARG A 159 -4.70 -9.54 6.61
CA ARG A 159 -4.81 -8.10 6.84
C ARG A 159 -6.06 -7.70 7.62
N PHE A 160 -7.15 -8.45 7.43
CA PHE A 160 -8.46 -8.06 7.96
C PHE A 160 -9.06 -9.13 8.86
N PRO A 161 -9.17 -8.85 10.17
CA PRO A 161 -9.61 -9.87 11.12
C PRO A 161 -10.92 -10.55 10.73
N ASN A 162 -11.87 -9.79 10.19
CA ASN A 162 -13.20 -10.33 9.87
C ASN A 162 -13.34 -10.89 8.44
N ASN A 163 -12.24 -10.87 7.68
CA ASN A 163 -12.15 -11.69 6.48
C ASN A 163 -11.53 -13.01 6.92
N LYS A 164 -12.36 -14.05 6.97
CA LYS A 164 -11.90 -15.38 7.36
C LYS A 164 -11.97 -16.31 6.15
N ALA A 165 -12.31 -15.74 5.00
CA ALA A 165 -12.51 -16.47 3.76
C ALA A 165 -11.23 -16.46 2.93
N GLY A 166 -10.78 -15.26 2.58
CA GLY A 166 -9.53 -15.09 1.85
C GLY A 166 -9.54 -15.54 0.41
N SER A 167 -8.33 -15.75 -0.12
CA SER A 167 -8.12 -16.02 -1.54
C SER A 167 -8.76 -17.31 -2.02
N LYS A 168 -8.86 -18.32 -1.14
CA LYS A 168 -9.56 -19.58 -1.47
C LYS A 168 -10.99 -19.29 -1.97
N TYR A 169 -11.55 -18.16 -1.53
CA TYR A 169 -12.90 -17.79 -1.94
C TYR A 169 -12.96 -16.56 -2.84
N GLY A 170 -11.80 -16.18 -3.38
CA GLY A 170 -11.68 -15.03 -4.27
C GLY A 170 -12.00 -13.66 -3.67
N THR A 171 -11.63 -13.43 -2.41
CA THR A 171 -11.83 -12.09 -1.80
C THR A 171 -10.71 -11.10 -2.14
N GLY A 172 -10.95 -9.82 -1.85
CA GLY A 172 -9.92 -8.79 -1.90
C GLY A 172 -9.71 -8.12 -3.25
N TYR A 173 -10.64 -8.31 -4.16
CA TYR A 173 -10.51 -7.67 -5.47
C TYR A 173 -10.34 -6.17 -5.31
N CYS A 174 -9.49 -5.60 -6.16
CA CYS A 174 -9.32 -4.16 -6.31
C CYS A 174 -8.92 -3.90 -7.76
N ASP A 175 -9.14 -2.67 -8.24
CA ASP A 175 -8.57 -2.23 -9.52
C ASP A 175 -8.60 -0.70 -9.59
N THR A 176 -8.20 -0.13 -10.71
CA THR A 176 -8.09 1.33 -10.77
C THR A 176 -9.43 2.03 -11.00
N GLN A 177 -10.50 1.26 -11.23
CA GLN A 177 -11.86 1.82 -11.25
C GLN A 177 -12.41 1.98 -9.84
N CYS A 178 -11.67 1.50 -8.84
CA CYS A 178 -12.07 1.61 -7.44
C CYS A 178 -13.54 1.19 -7.28
N PRO A 179 -13.88 -0.05 -7.71
CA PRO A 179 -15.29 -0.44 -7.75
C PRO A 179 -15.98 -0.36 -6.37
N GLN A 180 -17.17 0.25 -6.35
CA GLN A 180 -17.97 0.33 -5.13
C GLN A 180 -19.09 -0.71 -5.12
N ASP A 181 -19.09 -1.57 -6.16
CA ASP A 181 -20.07 -2.66 -6.23
CA ASP A 181 -20.00 -2.72 -6.33
C ASP A 181 -19.60 -3.87 -5.41
N ILE A 182 -18.36 -3.83 -4.92
CA ILE A 182 -17.75 -4.89 -4.14
C ILE A 182 -18.51 -5.03 -2.81
N LYS A 183 -18.87 -6.26 -2.46
CA LYS A 183 -19.65 -6.49 -1.24
C LYS A 183 -18.81 -6.51 0.04
N PHE A 184 -17.58 -7.01 -0.04
CA PHE A 184 -16.68 -6.99 1.11
C PHE A 184 -15.36 -6.33 0.76
N ILE A 185 -15.04 -5.28 1.51
CA ILE A 185 -13.79 -4.57 1.35
C ILE A 185 -13.22 -4.44 2.74
N ASN A 186 -11.97 -4.86 2.90
CA ASN A 186 -11.27 -4.76 4.18
C ASN A 186 -11.91 -5.58 5.31
N GLY A 187 -12.57 -6.67 4.92
CA GLY A 187 -13.20 -7.59 5.88
C GLY A 187 -14.47 -7.04 6.49
N GLU A 188 -15.06 -6.04 5.83
CA GLU A 188 -16.30 -5.44 6.28
C GLU A 188 -17.28 -5.37 5.11
N ALA A 189 -18.56 -5.61 5.41
CA ALA A 189 -19.58 -5.54 4.37
C ALA A 189 -19.77 -4.10 3.95
N ASN A 190 -19.81 -3.88 2.64
CA ASN A 190 -19.87 -2.56 2.04
C ASN A 190 -21.30 -2.02 2.01
N ILE A 191 -21.94 -2.00 3.18
CA ILE A 191 -23.37 -1.68 3.26
C ILE A 191 -23.70 -0.23 3.65
N LEU A 192 -22.70 0.56 4.03
CA LEU A 192 -22.97 1.95 4.38
C LEU A 192 -23.50 2.69 3.16
N GLY A 193 -24.69 3.28 3.31
CA GLY A 193 -25.41 3.91 2.19
C GLY A 193 -25.68 3.02 0.99
N TRP A 194 -25.89 1.73 1.21
CA TRP A 194 -26.09 0.79 0.11
C TRP A 194 -27.26 1.21 -0.79
N THR A 195 -26.98 1.32 -2.08
CA THR A 195 -28.00 1.73 -3.05
C THR A 195 -28.18 0.63 -4.10
N PRO A 196 -29.33 -0.06 -4.08
CA PRO A 196 -29.64 -1.00 -5.15
C PRO A 196 -29.71 -0.24 -6.47
N SER A 197 -29.00 -0.74 -7.48
CA SER A 197 -29.04 -0.15 -8.81
C SER A 197 -30.44 -0.21 -9.44
N SER A 198 -30.84 0.90 -10.05
CA SER A 198 -32.15 1.02 -10.71
C SER A 198 -32.14 0.47 -12.14
N SER A 199 -30.94 0.16 -12.67
CA SER A 199 -30.81 -0.33 -14.04
C SER A 199 -30.11 -1.69 -14.12
N ASP A 200 -29.72 -2.24 -12.96
CA ASP A 200 -29.05 -3.54 -12.89
C ASP A 200 -29.50 -4.26 -11.62
N SER A 201 -30.35 -5.28 -11.80
CA SER A 201 -30.92 -6.01 -10.67
C SER A 201 -29.92 -6.92 -9.96
N ASN A 202 -28.71 -7.03 -10.52
CA ASN A 202 -27.64 -7.85 -9.96
C ASN A 202 -26.60 -7.07 -9.17
N ALA A 203 -26.67 -5.74 -9.21
CA ALA A 203 -25.62 -4.90 -8.64
C ALA A 203 -26.15 -3.80 -7.75
N GLY A 204 -25.35 -3.46 -6.74
CA GLY A 204 -25.58 -2.28 -5.91
C GLY A 204 -24.23 -1.63 -5.64
N THR A 205 -24.25 -0.47 -4.99
CA THR A 205 -23.01 0.20 -4.60
C THR A 205 -23.10 0.66 -3.17
N GLY A 206 -21.99 0.52 -2.45
CA GLY A 206 -21.87 1.02 -1.10
C GLY A 206 -20.94 2.21 -1.04
N GLN A 207 -20.76 2.73 0.16
CA GLN A 207 -19.97 3.92 0.39
C GLN A 207 -18.52 3.75 -0.09
N TYR A 208 -17.98 2.55 0.11
CA TYR A 208 -16.57 2.30 -0.16
C TYR A 208 -16.28 1.65 -1.51
N GLY A 209 -15.09 1.95 -2.04
CA GLY A 209 -14.54 1.27 -3.19
C GLY A 209 -13.25 0.57 -2.83
N SER A 210 -12.79 -0.32 -3.71
CA SER A 210 -11.54 -1.04 -3.51
C SER A 210 -10.59 -0.74 -4.67
N CYS A 211 -9.50 -0.03 -4.35
CA CYS A 211 -8.57 0.52 -5.33
C CYS A 211 -7.20 -0.13 -5.28
N CYS A 212 -6.58 -0.29 -6.45
CA CYS A 212 -5.16 -0.66 -6.57
C CYS A 212 -4.64 -0.57 -8.00
N ASN A 213 -3.32 -0.49 -8.11
CA ASN A 213 -2.63 -0.50 -9.39
C ASN A 213 -3.08 -1.68 -10.25
N GLU A 214 -3.16 -1.42 -11.56
CA GLU A 214 -3.68 -2.41 -12.51
C GLU A 214 -2.99 -2.35 -13.87
N MET A 215 -2.49 -3.50 -14.32
CA MET A 215 -1.96 -3.66 -15.67
C MET A 215 -2.94 -4.39 -16.55
N ASP A 216 -3.63 -3.65 -17.41
CA ASP A 216 -4.55 -4.26 -18.36
C ASP A 216 -3.80 -4.72 -19.60
N VAL A 217 -3.37 -5.98 -19.55
CA VAL A 217 -2.65 -6.59 -20.65
C VAL A 217 -3.54 -6.72 -21.89
N TRP A 218 -4.82 -7.01 -21.67
CA TRP A 218 -5.71 -7.39 -22.75
C TRP A 218 -7.14 -7.14 -22.36
N GLU A 219 -7.74 -6.15 -23.01
CA GLU A 219 -9.18 -5.92 -22.97
C GLU A 219 -9.62 -5.88 -24.42
N ALA A 220 -10.49 -6.81 -24.81
CA ALA A 220 -10.75 -7.02 -26.23
C ALA A 220 -12.00 -7.82 -26.54
N ASN A 221 -12.48 -7.60 -27.75
CA ASN A 221 -13.46 -8.48 -28.37
C ASN A 221 -13.03 -8.63 -29.81
N ILE A 222 -13.79 -9.37 -30.61
CA ILE A 222 -13.40 -9.64 -31.99
C ILE A 222 -13.03 -8.39 -32.81
N ASN A 223 -13.59 -7.26 -32.41
CA ASN A 223 -13.44 -6.03 -33.15
C ASN A 223 -12.19 -5.19 -32.84
N SER A 224 -11.85 -5.08 -31.56
CA SER A 224 -10.79 -4.16 -31.12
C SER A 224 -10.14 -4.65 -29.82
N ALA A 225 -8.93 -4.15 -29.56
CA ALA A 225 -8.15 -4.52 -28.39
C ALA A 225 -7.35 -3.34 -27.86
N ALA A 226 -7.20 -3.28 -26.54
CA ALA A 226 -6.39 -2.26 -25.89
C ALA A 226 -5.48 -2.92 -24.87
N VAL A 227 -4.27 -2.38 -24.74
CA VAL A 227 -3.37 -2.73 -23.65
C VAL A 227 -3.10 -1.44 -22.86
N THR A 228 -3.33 -1.49 -21.55
CA THR A 228 -3.43 -0.24 -20.75
C THR A 228 -2.93 -0.36 -19.31
N PRO A 229 -1.76 0.19 -19.01
CA PRO A 229 -1.39 0.35 -17.60
C PRO A 229 -2.24 1.45 -16.93
N HIS A 230 -2.58 1.28 -15.65
CA HIS A 230 -3.24 2.31 -14.86
C HIS A 230 -2.50 2.36 -13.51
N VAL A 231 -2.30 3.56 -12.99
CA VAL A 231 -1.67 3.71 -11.67
C VAL A 231 -2.52 4.42 -10.61
N CYS A 232 -2.10 4.26 -9.34
CA CYS A 232 -2.69 4.94 -8.18
C CYS A 232 -1.59 5.58 -7.33
N ASN A 233 -1.97 6.51 -6.45
CA ASN A 233 -1.02 7.08 -5.49
C ASN A 233 -1.00 6.31 -4.16
N VAL A 234 -1.57 5.10 -4.18
CA VAL A 234 -1.55 4.20 -3.04
C VAL A 234 -0.91 2.87 -3.45
N GLN A 235 -0.38 2.16 -2.47
CA GLN A 235 0.36 0.93 -2.69
C GLN A 235 -0.49 -0.23 -2.20
N GLY A 236 -0.81 -1.15 -3.12
CA GLY A 236 -1.61 -2.33 -2.80
C GLY A 236 -3.10 -2.02 -2.67
N GLN A 237 -3.87 -3.02 -2.24
CA GLN A 237 -5.32 -2.92 -2.15
C GLN A 237 -5.68 -1.95 -1.04
N THR A 238 -6.45 -0.93 -1.42
CA THR A 238 -6.74 0.20 -0.55
C THR A 238 -8.20 0.55 -0.67
N ARG A 239 -8.86 0.71 0.47
CA ARG A 239 -10.26 1.14 0.49
C ARG A 239 -10.37 2.67 0.32
N CYS A 240 -11.28 3.11 -0.55
CA CYS A 240 -11.53 4.53 -0.75
C CYS A 240 -12.96 4.89 -0.35
N SER A 241 -13.19 6.16 0.00
CA SER A 241 -14.53 6.71 -0.02
C SER A 241 -14.50 8.16 -0.51
N GLY A 242 -15.70 8.66 -0.79
CA GLY A 242 -15.87 10.01 -1.32
C GLY A 242 -15.10 10.20 -2.60
N THR A 243 -14.55 11.40 -2.76
CA THR A 243 -13.85 11.81 -3.98
C THR A 243 -12.65 10.93 -4.36
N GLN A 244 -12.06 10.24 -3.38
CA GLN A 244 -10.92 9.36 -3.64
C GLN A 244 -11.26 8.21 -4.57
N CYS A 245 -12.50 7.72 -4.49
CA CYS A 245 -12.98 6.67 -5.39
C CYS A 245 -13.15 7.18 -6.82
N GLY A 246 -13.18 8.50 -6.98
CA GLY A 246 -13.33 9.13 -8.29
C GLY A 246 -14.55 8.64 -9.05
N ASP A 247 -15.67 8.53 -8.35
CA ASP A 247 -16.89 7.96 -8.91
C ASP A 247 -17.60 8.97 -9.79
N GLY A 248 -18.04 8.52 -10.96
CA GLY A 248 -18.78 9.35 -11.92
C GLY A 248 -18.22 10.75 -12.16
N ASP A 249 -18.89 11.74 -11.59
CA ASP A 249 -18.58 13.17 -11.78
C ASP A 249 -17.15 13.57 -11.43
N GLU A 250 -16.60 12.99 -10.36
CA GLU A 250 -15.23 13.30 -9.93
C GLU A 250 -14.21 12.28 -10.44
N ARG A 251 -14.43 11.82 -11.67
CA ARG A 251 -13.55 10.84 -12.34
C ARG A 251 -12.06 11.10 -12.18
N TYR A 252 -11.65 12.36 -12.25
CA TYR A 252 -10.23 12.71 -12.24
C TYR A 252 -9.77 13.33 -10.92
N ASP A 253 -10.50 13.06 -9.86
CA ASP A 253 -10.22 13.61 -8.54
C ASP A 253 -9.66 12.57 -7.59
N GLY A 254 -9.86 11.31 -7.93
CA GLY A 254 -9.57 10.21 -7.02
C GLY A 254 -8.12 9.78 -6.96
N ILE A 255 -7.89 8.64 -6.32
CA ILE A 255 -6.55 8.15 -6.01
C ILE A 255 -5.96 7.24 -7.10
N CYS A 256 -6.78 6.88 -8.09
CA CYS A 256 -6.35 6.02 -9.20
C CYS A 256 -6.74 6.63 -10.54
N ASP A 257 -5.98 6.25 -11.56
CA ASP A 257 -6.16 6.71 -12.94
C ASP A 257 -7.11 5.76 -13.67
N LYS A 258 -8.36 6.18 -13.81
CA LYS A 258 -9.41 5.36 -14.42
C LYS A 258 -9.25 5.13 -15.92
N ASP A 259 -8.74 6.13 -16.63
CA ASP A 259 -8.56 6.01 -18.08
C ASP A 259 -7.40 5.11 -18.46
N GLY A 260 -6.28 5.28 -17.76
CA GLY A 260 -5.05 4.57 -18.07
C GLY A 260 -4.35 5.13 -19.30
N CYS A 261 -3.10 4.72 -19.51
CA CYS A 261 -2.40 5.07 -20.73
C CYS A 261 -2.53 3.94 -21.75
N ASP A 262 -3.50 4.09 -22.64
CA ASP A 262 -3.93 2.98 -23.50
C ASP A 262 -3.25 2.94 -24.86
N PHE A 263 -2.99 1.72 -25.32
CA PHE A 263 -2.63 1.46 -26.71
C PHE A 263 -3.62 0.52 -27.39
N ASN A 264 -4.55 1.14 -28.12
CA ASN A 264 -5.49 0.45 -28.99
C ASN A 264 -5.07 0.82 -30.41
N SER A 265 -4.63 -0.18 -31.17
CA SER A 265 -4.13 0.03 -32.55
C SER A 265 -5.07 0.87 -33.42
N PHE A 266 -6.37 0.61 -33.30
CA PHE A 266 -7.39 1.32 -34.07
C PHE A 266 -7.47 2.77 -33.59
N ARG A 267 -7.50 2.97 -32.28
CA ARG A 267 -7.50 4.30 -31.70
C ARG A 267 -6.23 5.07 -32.05
N MET A 268 -5.09 4.37 -32.11
CA MET A 268 -3.82 4.99 -32.47
C MET A 268 -3.62 5.18 -33.98
N GLY A 269 -4.66 4.93 -34.76
CA GLY A 269 -4.68 5.32 -36.17
C GLY A 269 -4.43 4.25 -37.20
N ASN A 270 -4.55 2.98 -36.80
CA ASN A 270 -4.41 1.88 -37.74
C ASN A 270 -5.64 0.97 -37.71
N GLN A 271 -6.59 1.25 -38.60
CA GLN A 271 -7.86 0.54 -38.64
C GLN A 271 -7.80 -0.83 -39.30
N THR A 272 -6.66 -1.17 -39.91
CA THR A 272 -6.53 -2.44 -40.65
C THR A 272 -5.69 -3.50 -39.92
N PHE A 273 -5.25 -3.19 -38.70
CA PHE A 273 -4.27 -4.03 -38.02
C PHE A 273 -4.86 -5.26 -37.31
N LEU A 274 -5.98 -5.06 -36.62
CA LEU A 274 -6.50 -6.10 -35.74
C LEU A 274 -8.02 -6.14 -35.81
N GLY A 275 -8.54 -7.35 -36.03
CA GLY A 275 -9.95 -7.56 -36.24
C GLY A 275 -10.20 -8.73 -37.18
N PRO A 276 -11.47 -8.92 -37.59
CA PRO A 276 -11.82 -10.05 -38.44
C PRO A 276 -11.12 -9.95 -39.80
N GLY A 277 -10.30 -10.96 -40.09
CA GLY A 277 -9.55 -11.02 -41.35
C GLY A 277 -8.45 -9.99 -41.50
N LYS A 278 -8.03 -9.36 -40.39
CA LYS A 278 -6.98 -8.35 -40.45
C LYS A 278 -5.61 -8.97 -40.13
N THR A 279 -4.56 -8.14 -40.09
CA THR A 279 -3.19 -8.62 -39.91
C THR A 279 -3.09 -9.57 -38.72
N VAL A 280 -3.66 -9.16 -37.60
CA VAL A 280 -3.91 -10.06 -36.49
C VAL A 280 -5.37 -10.43 -36.66
N ASN A 281 -5.63 -11.68 -37.02
CA ASN A 281 -6.95 -12.09 -37.45
C ASN A 281 -7.76 -12.66 -36.30
N THR A 282 -8.74 -11.90 -35.86
CA THR A 282 -9.47 -12.24 -34.64
C THR A 282 -10.53 -13.33 -34.86
N ASN A 283 -10.69 -13.79 -36.11
CA ASN A 283 -11.56 -14.94 -36.40
C ASN A 283 -10.92 -16.25 -35.97
N SER A 284 -9.62 -16.21 -35.70
CA SER A 284 -8.90 -17.39 -35.24
C SER A 284 -8.10 -17.12 -33.97
N LYS A 285 -7.63 -18.19 -33.34
CA LYS A 285 -6.76 -18.10 -32.17
C LYS A 285 -5.43 -17.45 -32.53
N PHE A 286 -4.88 -16.67 -31.61
CA PHE A 286 -3.54 -16.09 -31.79
C PHE A 286 -2.86 -15.86 -30.45
N THR A 287 -1.54 -15.70 -30.48
CA THR A 287 -0.75 -15.45 -29.27
C THR A 287 -0.59 -13.97 -29.04
N VAL A 288 -0.67 -13.57 -27.77
CA VAL A 288 -0.41 -12.19 -27.38
C VAL A 288 0.79 -12.19 -26.43
N VAL A 289 1.86 -11.52 -26.85
CA VAL A 289 3.10 -11.44 -26.07
C VAL A 289 3.24 -10.02 -25.56
N THR A 290 3.53 -9.88 -24.26
CA THR A 290 3.72 -8.57 -23.66
C THR A 290 5.01 -8.51 -22.85
N GLN A 291 5.88 -7.58 -23.24
CA GLN A 291 7.19 -7.46 -22.61
C GLN A 291 7.28 -6.23 -21.74
N PHE A 292 7.80 -6.41 -20.53
CA PHE A 292 7.89 -5.32 -19.58
C PHE A 292 9.33 -4.90 -19.40
N LEU A 293 9.77 -3.95 -20.23
CA LEU A 293 11.19 -3.56 -20.31
C LEU A 293 11.58 -2.53 -19.26
N THR A 294 12.74 -2.74 -18.65
CA THR A 294 13.28 -1.82 -17.67
C THR A 294 14.34 -0.93 -18.31
N SER A 295 14.75 0.12 -17.58
CA SER A 295 15.71 1.12 -18.06
C SER A 295 17.06 0.55 -18.49
N ASP A 296 17.58 -0.41 -17.74
CA ASP A 296 18.89 -1.00 -18.02
C ASP A 296 18.83 -2.50 -18.35
N ASN A 297 17.61 -3.01 -18.55
CA ASN A 297 17.36 -4.44 -18.82
C ASN A 297 17.67 -5.36 -17.65
N THR A 298 17.58 -4.85 -16.43
CA THR A 298 17.66 -5.69 -15.23
C THR A 298 16.34 -5.68 -14.46
N THR A 299 16.20 -6.57 -13.48
CA THR A 299 14.99 -6.64 -12.66
C THR A 299 14.82 -5.47 -11.69
N THR A 300 15.88 -4.71 -11.46
CA THR A 300 15.82 -3.54 -10.56
C THR A 300 15.70 -2.22 -11.33
N GLY A 301 15.79 -2.29 -12.65
CA GLY A 301 15.58 -1.12 -13.48
C GLY A 301 14.15 -0.61 -13.34
N THR A 302 13.98 0.69 -13.55
CA THR A 302 12.67 1.32 -13.65
C THR A 302 11.92 0.75 -14.84
N LEU A 303 10.64 0.41 -14.66
CA LEU A 303 9.83 0.02 -15.81
C LEU A 303 9.76 1.21 -16.76
N HIS A 304 10.17 0.99 -18.01
CA HIS A 304 10.41 2.08 -18.96
C HIS A 304 9.60 1.94 -20.24
N GLU A 305 9.30 0.70 -20.61
CA GLU A 305 8.58 0.43 -21.86
C GLU A 305 7.76 -0.85 -21.75
N ILE A 306 6.57 -0.83 -22.36
CA ILE A 306 5.77 -2.03 -22.49
C ILE A 306 5.59 -2.32 -23.98
N ARG A 307 6.20 -3.41 -24.44
CA ARG A 307 6.14 -3.80 -25.85
C ARG A 307 5.12 -4.91 -26.08
N ARG A 308 4.69 -5.04 -27.33
CA ARG A 308 3.69 -6.03 -27.70
C ARG A 308 4.09 -6.72 -29.00
N LEU A 309 3.96 -8.04 -29.01
CA LEU A 309 4.10 -8.83 -30.24
C LEU A 309 2.94 -9.82 -30.29
N TYR A 310 2.53 -10.18 -31.49
CA TYR A 310 1.51 -11.22 -31.71
C TYR A 310 2.14 -12.38 -32.46
N VAL A 311 1.55 -13.57 -32.31
CA VAL A 311 1.98 -14.74 -33.06
C VAL A 311 0.76 -15.52 -33.55
N GLN A 312 0.60 -15.59 -34.87
CA GLN A 312 -0.53 -16.29 -35.47
C GLN A 312 -0.09 -17.03 -36.72
N ASN A 313 -0.57 -18.27 -36.86
CA ASN A 313 -0.25 -19.12 -38.02
CA ASN A 313 -0.27 -19.09 -38.04
C ASN A 313 1.25 -19.27 -38.22
N GLY A 314 1.98 -19.30 -37.11
CA GLY A 314 3.44 -19.45 -37.13
C GLY A 314 4.25 -18.18 -37.39
N LYS A 315 3.57 -17.05 -37.56
CA LYS A 315 4.22 -15.80 -37.92
C LYS A 315 4.26 -14.81 -36.75
N VAL A 316 5.43 -14.25 -36.48
CA VAL A 316 5.57 -13.21 -35.47
C VAL A 316 5.12 -11.89 -36.09
N ILE A 317 4.18 -11.21 -35.42
CA ILE A 317 3.65 -9.93 -35.89
C ILE A 317 4.05 -8.80 -34.92
N ALA A 318 4.86 -7.87 -35.42
CA ALA A 318 5.25 -6.68 -34.66
C ALA A 318 4.01 -5.82 -34.38
N ASN A 319 4.03 -5.11 -33.25
CA ASN A 319 2.91 -4.20 -32.93
C ASN A 319 2.78 -3.09 -33.98
N SER A 320 1.56 -2.59 -34.18
CA SER A 320 1.34 -1.48 -35.12
C SER A 320 1.97 -0.20 -34.59
N LYS A 321 2.34 0.70 -35.51
CA LYS A 321 2.88 2.00 -35.13
C LYS A 321 1.72 2.99 -35.01
N THR A 322 1.89 4.01 -34.16
CA THR A 322 0.93 5.10 -34.05
CA THR A 322 0.89 5.06 -34.07
C THR A 322 0.87 5.90 -35.35
N ASN A 323 -0.32 6.39 -35.68
CA ASN A 323 -0.54 7.14 -36.90
C ASN A 323 -1.51 8.27 -36.58
N ILE A 324 -1.03 9.21 -35.76
CA ILE A 324 -1.86 10.30 -35.26
C ILE A 324 -1.20 11.60 -35.67
N ALA A 325 -2.00 12.53 -36.19
CA ALA A 325 -1.49 13.81 -36.64
C ALA A 325 -0.80 14.57 -35.51
N GLY A 326 0.35 15.16 -35.85
CA GLY A 326 1.14 15.93 -34.89
C GLY A 326 1.87 15.05 -33.89
N MET A 327 1.63 13.76 -33.97
CA MET A 327 2.18 12.85 -32.99
C MET A 327 3.26 12.00 -33.62
N SER A 328 4.35 11.82 -32.88
CA SER A 328 5.46 11.00 -33.31
C SER A 328 5.08 9.53 -33.36
N GLN A 329 5.90 8.75 -34.06
CA GLN A 329 5.68 7.32 -34.20
C GLN A 329 6.14 6.59 -32.94
N PHE A 330 5.20 5.86 -32.33
CA PHE A 330 5.48 4.96 -31.22
C PHE A 330 4.80 3.65 -31.57
N ASP A 331 5.38 2.54 -31.14
CA ASP A 331 4.75 1.23 -31.33
C ASP A 331 4.67 0.48 -30.01
N SER A 332 4.81 1.23 -28.92
CA SER A 332 4.90 0.66 -27.58
C SER A 332 4.54 1.73 -26.56
N ILE A 333 4.37 1.31 -25.31
CA ILE A 333 4.02 2.25 -24.26
C ILE A 333 5.25 2.71 -23.49
N THR A 334 5.52 4.00 -23.56
CA THR A 334 6.54 4.68 -22.76
C THR A 334 5.88 5.90 -22.11
N ASP A 335 6.49 6.47 -21.07
CA ASP A 335 6.00 7.71 -20.47
C ASP A 335 5.93 8.82 -21.52
N ASP A 336 6.92 8.84 -22.43
CA ASP A 336 6.95 9.75 -23.59
C ASP A 336 5.69 9.58 -24.46
N PHE A 337 5.37 8.34 -24.83
CA PHE A 337 4.14 8.02 -25.57
C PHE A 337 2.89 8.52 -24.85
N CYS A 338 2.84 8.30 -23.53
CA CYS A 338 1.69 8.66 -22.73
C CYS A 338 1.47 10.17 -22.70
N ASN A 339 2.55 10.93 -22.54
CA ASN A 339 2.47 12.39 -22.64
C ASN A 339 1.93 12.81 -23.99
N ALA A 340 2.48 12.23 -25.05
CA ALA A 340 2.10 12.57 -26.42
C ALA A 340 0.64 12.26 -26.74
N GLN A 341 0.15 11.09 -26.35
CA GLN A 341 -1.21 10.68 -26.72
C GLN A 341 -2.28 11.40 -25.93
N LYS A 342 -2.03 11.65 -24.65
CA LYS A 342 -2.99 12.37 -23.80
C LYS A 342 -3.15 13.79 -24.33
N THR A 343 -2.04 14.40 -24.73
CA THR A 343 -2.04 15.71 -25.37
C THR A 343 -2.79 15.66 -26.71
N ALA A 344 -2.40 14.73 -27.58
CA ALA A 344 -3.02 14.61 -28.91
C ALA A 344 -4.53 14.34 -28.85
N PHE A 345 -4.96 13.61 -27.83
CA PHE A 345 -6.37 13.23 -27.68
C PHE A 345 -7.16 14.18 -26.76
N GLY A 346 -6.48 15.16 -26.17
CA GLY A 346 -7.12 16.09 -25.25
C GLY A 346 -7.65 15.45 -23.98
N ASP A 347 -6.94 14.42 -23.49
CA ASP A 347 -7.35 13.71 -22.28
C ASP A 347 -6.52 14.15 -21.08
N THR A 348 -7.12 14.09 -19.89
CA THR A 348 -6.41 14.37 -18.64
C THR A 348 -5.36 13.29 -18.42
N ASN A 349 -4.10 13.71 -18.27
CA ASN A 349 -3.01 12.76 -18.10
C ASN A 349 -2.84 12.35 -16.64
N SER A 350 -3.83 11.63 -16.13
CA SER A 350 -3.79 11.14 -14.75
C SER A 350 -2.72 10.08 -14.59
N PHE A 351 -2.49 9.31 -15.66
CA PHE A 351 -1.49 8.26 -15.64
C PHE A 351 -0.14 8.85 -15.23
N GLU A 352 0.29 9.89 -15.93
CA GLU A 352 1.57 10.54 -15.61
C GLU A 352 1.56 11.36 -14.33
N ASN A 353 0.43 12.00 -14.05
CA ASN A 353 0.24 12.76 -12.81
C ASN A 353 0.42 11.90 -11.56
N LEU A 354 -0.02 10.64 -11.63
CA LEU A 354 0.06 9.73 -10.50
C LEU A 354 1.35 8.87 -10.51
N GLY A 355 2.31 9.24 -11.36
CA GLY A 355 3.64 8.61 -11.33
C GLY A 355 4.02 7.71 -12.49
N GLY A 356 3.11 7.53 -13.45
CA GLY A 356 3.41 6.83 -14.71
C GLY A 356 3.99 5.42 -14.56
N LEU A 357 4.84 5.05 -15.51
CA LEU A 357 5.41 3.68 -15.55
C LEU A 357 6.30 3.34 -14.34
N ASN A 358 6.96 4.34 -13.76
CA ASN A 358 7.72 4.09 -12.53
C ASN A 358 6.82 3.45 -11.48
N VAL A 359 5.67 4.06 -11.23
CA VAL A 359 4.75 3.57 -10.20
C VAL A 359 4.17 2.20 -10.57
N MET A 360 3.93 1.99 -11.86
CA MET A 360 3.45 0.68 -12.36
C MET A 360 4.47 -0.44 -12.09
N GLY A 361 5.74 -0.17 -12.40
CA GLY A 361 6.80 -1.12 -12.15
C GLY A 361 6.98 -1.42 -10.68
N GLN A 362 6.69 -0.44 -9.83
CA GLN A 362 6.77 -0.60 -8.38
C GLN A 362 5.67 -1.53 -7.87
N ALA A 363 4.50 -1.46 -8.49
CA ALA A 363 3.44 -2.43 -8.23
C ALA A 363 3.91 -3.83 -8.65
N PHE A 364 4.60 -3.93 -9.78
CA PHE A 364 5.10 -5.22 -10.25
C PHE A 364 6.10 -5.81 -9.25
N ASP A 365 6.95 -4.96 -8.68
CA ASP A 365 7.93 -5.37 -7.67
C ASP A 365 7.26 -5.94 -6.43
N LYS A 366 6.21 -5.28 -5.94
CA LYS A 366 5.43 -5.80 -4.83
C LYS A 366 4.79 -7.13 -5.22
N GLY A 367 4.18 -7.16 -6.41
CA GLY A 367 3.55 -8.37 -6.93
C GLY A 367 2.13 -8.15 -7.38
N VAL A 368 1.75 -8.81 -8.46
CA VAL A 368 0.39 -8.67 -9.00
C VAL A 368 -0.28 -10.02 -9.23
N VAL A 369 -1.60 -10.02 -9.15
CA VAL A 369 -2.45 -11.21 -9.32
C VAL A 369 -3.05 -11.22 -10.73
N LEU A 370 -3.02 -12.39 -11.37
CA LEU A 370 -3.59 -12.58 -12.72
C LEU A 370 -5.11 -12.75 -12.66
N VAL A 371 -5.81 -11.89 -13.39
CA VAL A 371 -7.27 -11.90 -13.47
C VAL A 371 -7.68 -12.23 -14.89
N MET A 372 -8.67 -13.11 -15.04
CA MET A 372 -9.32 -13.32 -16.33
C MET A 372 -10.83 -13.18 -16.16
N SER A 373 -11.48 -12.55 -17.15
CA SER A 373 -12.91 -12.25 -17.02
C SER A 373 -13.62 -12.14 -18.35
N VAL A 374 -14.95 -12.17 -18.29
CA VAL A 374 -15.80 -11.81 -19.41
C VAL A 374 -16.90 -10.94 -18.85
N TRP A 375 -17.16 -9.81 -19.50
CA TRP A 375 -18.10 -8.84 -18.97
C TRP A 375 -18.70 -7.92 -20.03
N ASP A 376 -19.85 -7.34 -19.70
CA ASP A 376 -20.39 -6.21 -20.45
C ASP A 376 -20.34 -4.98 -19.56
N ASP A 377 -20.57 -3.82 -20.16
CA ASP A 377 -20.24 -2.54 -19.53
C ASP A 377 -21.50 -1.76 -19.23
N HIS A 378 -21.82 -1.66 -17.94
CA HIS A 378 -23.02 -0.93 -17.49
C HIS A 378 -22.76 0.58 -17.43
N GLU A 379 -21.48 0.96 -17.46
CA GLU A 379 -21.11 2.37 -17.41
C GLU A 379 -21.11 3.01 -18.80
N ALA A 380 -20.40 2.41 -19.76
CA ALA A 380 -20.22 3.03 -21.07
C ALA A 380 -20.45 2.12 -22.28
N ASN A 381 -21.09 0.97 -22.06
CA ASN A 381 -21.50 0.05 -23.14
C ASN A 381 -20.38 -0.50 -24.00
N MET A 382 -19.16 -0.48 -23.46
CA MET A 382 -17.94 -0.93 -24.13
C MET A 382 -17.53 -0.08 -25.33
N LEU A 383 -18.16 1.09 -25.47
CA LEU A 383 -17.91 1.98 -26.61
C LEU A 383 -16.47 2.52 -26.62
N TRP A 384 -15.93 2.74 -25.42
CA TRP A 384 -14.54 3.18 -25.23
C TRP A 384 -13.54 2.18 -25.85
N LEU A 385 -13.97 0.94 -26.01
CA LEU A 385 -13.09 -0.10 -26.54
C LEU A 385 -13.27 -0.31 -28.05
N ASP A 386 -14.52 -0.29 -28.51
CA ASP A 386 -14.82 -0.76 -29.86
C ASP A 386 -15.71 0.15 -30.72
N SER A 387 -15.94 1.37 -30.27
CA SER A 387 -16.81 2.29 -31.00
C SER A 387 -16.26 3.72 -31.00
N ASP A 388 -17.15 4.70 -31.20
CA ASP A 388 -16.81 6.11 -31.07
C ASP A 388 -17.14 6.57 -29.66
N TYR A 389 -16.19 7.22 -29.00
CA TYR A 389 -16.33 7.62 -27.60
C TYR A 389 -15.49 8.86 -27.27
N PRO A 390 -16.11 9.89 -26.65
CA PRO A 390 -17.54 10.06 -26.36
C PRO A 390 -18.42 10.03 -27.61
N THR A 391 -19.66 9.60 -27.44
CA THR A 391 -20.61 9.53 -28.57
C THR A 391 -21.01 10.93 -29.06
N THR A 392 -20.79 11.92 -28.19
CA THR A 392 -21.11 13.31 -28.48
C THR A 392 -20.00 14.01 -29.26
N SER A 393 -18.86 13.33 -29.43
CA SER A 393 -17.71 13.90 -30.13
C SER A 393 -17.70 13.52 -31.61
N SER A 394 -16.99 14.33 -32.40
CA SER A 394 -16.80 14.07 -33.82
C SER A 394 -15.96 12.81 -34.03
N ALA A 395 -16.45 11.90 -34.87
CA ALA A 395 -15.78 10.60 -35.11
C ALA A 395 -14.41 10.73 -35.77
N SER A 396 -14.08 11.93 -36.24
CA SER A 396 -12.80 12.19 -36.90
C SER A 396 -11.80 12.96 -36.01
N THR A 397 -12.24 13.35 -34.81
CA THR A 397 -11.34 13.96 -33.83
C THR A 397 -10.40 12.87 -33.30
N PRO A 398 -9.08 13.11 -33.34
CA PRO A 398 -8.15 12.06 -32.91
C PRO A 398 -8.50 11.49 -31.53
N GLY A 399 -8.55 10.17 -31.44
CA GLY A 399 -8.79 9.47 -30.18
C GLY A 399 -10.23 9.01 -29.99
N VAL A 400 -11.16 9.64 -30.71
CA VAL A 400 -12.59 9.34 -30.55
C VAL A 400 -12.95 7.94 -31.08
N ALA A 401 -12.51 7.61 -32.30
CA ALA A 401 -12.80 6.31 -32.92
C ALA A 401 -11.87 5.19 -32.45
N ARG A 402 -12.44 4.23 -31.71
CA ARG A 402 -11.69 3.11 -31.14
C ARG A 402 -12.03 1.76 -31.80
N GLY A 403 -13.12 1.74 -32.55
CA GLY A 403 -13.49 0.57 -33.34
C GLY A 403 -14.68 0.82 -34.26
N THR A 404 -15.16 -0.25 -34.89
CA THR A 404 -16.19 -0.13 -35.93
C THR A 404 -17.62 -0.36 -35.42
N CYS A 405 -17.76 -0.66 -34.13
CA CYS A 405 -19.09 -0.92 -33.54
C CYS A 405 -19.93 0.36 -33.44
N ALA A 406 -21.25 0.21 -33.59
CA ALA A 406 -22.19 1.33 -33.55
C ALA A 406 -22.28 1.95 -32.15
N THR A 407 -22.47 3.26 -32.07
CA THR A 407 -22.61 3.93 -30.78
C THR A 407 -23.81 3.41 -29.97
N THR A 408 -24.69 2.66 -30.63
CA THR A 408 -25.84 2.03 -29.96
C THR A 408 -25.58 0.57 -29.56
N SER A 409 -24.35 0.09 -29.75
CA SER A 409 -24.02 -1.28 -29.39
C SER A 409 -23.70 -1.40 -27.90
N GLY A 410 -23.64 -2.64 -27.43
CA GLY A 410 -23.16 -2.94 -26.08
C GLY A 410 -24.01 -2.58 -24.87
N VAL A 411 -25.29 -2.25 -25.07
CA VAL A 411 -26.18 -2.05 -23.93
C VAL A 411 -26.34 -3.41 -23.26
N PRO A 412 -26.03 -3.50 -21.95
CA PRO A 412 -26.05 -4.80 -21.26
C PRO A 412 -27.31 -5.62 -21.53
N ALA A 413 -28.48 -5.06 -21.21
CA ALA A 413 -29.75 -5.73 -21.48
C ALA A 413 -29.86 -6.27 -22.91
N ASN A 414 -29.37 -5.49 -23.87
CA ASN A 414 -29.39 -5.91 -25.28
C ASN A 414 -28.42 -7.06 -25.59
N VAL A 415 -27.17 -6.94 -25.15
CA VAL A 415 -26.16 -7.99 -25.45
C VAL A 415 -26.41 -9.29 -24.69
N GLU A 416 -27.03 -9.18 -23.51
CA GLU A 416 -27.37 -10.36 -22.70
C GLU A 416 -28.53 -11.12 -23.34
N SER A 417 -29.47 -10.38 -23.90
CA SER A 417 -30.59 -10.97 -24.64
C SER A 417 -30.15 -11.51 -26.00
N GLN A 418 -29.38 -10.70 -26.73
CA GLN A 418 -29.05 -10.98 -28.14
C GLN A 418 -27.81 -11.85 -28.33
N ASN A 419 -26.85 -11.77 -27.41
CA ASN A 419 -25.61 -12.54 -27.51
C ASN A 419 -25.30 -13.32 -26.23
N PRO A 420 -26.24 -14.16 -25.74
CA PRO A 420 -25.99 -14.80 -24.45
C PRO A 420 -24.88 -15.86 -24.51
N ASN A 421 -24.73 -16.50 -25.67
CA ASN A 421 -23.80 -17.61 -25.83
C ASN A 421 -22.38 -17.19 -26.20
N SER A 422 -22.11 -15.91 -26.11
CA SER A 422 -20.76 -15.40 -26.29
C SER A 422 -19.81 -16.05 -25.28
N SER A 423 -18.54 -16.13 -25.64
CA SER A 423 -17.52 -16.73 -24.75
C SER A 423 -16.12 -16.28 -25.15
N VAL A 424 -15.18 -16.43 -24.23
CA VAL A 424 -13.76 -16.21 -24.52
C VAL A 424 -13.00 -17.44 -24.03
N VAL A 425 -11.96 -17.83 -24.76
CA VAL A 425 -11.07 -18.91 -24.32
C VAL A 425 -9.66 -18.35 -24.20
N PHE A 426 -9.13 -18.35 -22.98
CA PHE A 426 -7.73 -18.03 -22.72
C PHE A 426 -6.98 -19.34 -22.50
N SER A 427 -5.81 -19.46 -23.12
CA SER A 427 -5.06 -20.72 -23.06
C SER A 427 -3.57 -20.49 -23.12
N ASN A 428 -2.80 -21.55 -22.84
CA ASN A 428 -1.35 -21.56 -23.11
C ASN A 428 -0.58 -20.40 -22.47
N ILE A 429 -0.89 -20.12 -21.21
CA ILE A 429 -0.27 -19.04 -20.44
C ILE A 429 1.21 -19.34 -20.18
N LYS A 430 2.07 -18.36 -20.44
CA LYS A 430 3.52 -18.52 -20.24
C LYS A 430 4.13 -17.26 -19.63
N ILE A 431 5.08 -17.45 -18.73
CA ILE A 431 5.89 -16.38 -18.13
C ILE A 431 7.38 -16.74 -18.21
N GLY A 432 8.22 -15.75 -18.48
CA GLY A 432 9.67 -15.93 -18.51
C GLY A 432 10.41 -14.69 -18.93
N PRO A 433 11.74 -14.80 -19.12
CA PRO A 433 12.56 -13.68 -19.60
C PRO A 433 12.11 -13.21 -20.98
N ILE A 434 12.39 -11.95 -21.28
CA ILE A 434 12.14 -11.38 -22.61
C ILE A 434 12.66 -12.33 -23.70
N GLY A 435 11.80 -12.62 -24.67
CA GLY A 435 12.17 -13.47 -25.81
C GLY A 435 11.97 -14.96 -25.60
N SER A 436 11.52 -15.38 -24.41
CA SER A 436 11.45 -16.80 -24.09
C SER A 436 10.11 -17.50 -24.31
N THR A 437 9.03 -16.73 -24.45
CA THR A 437 7.69 -17.31 -24.40
C THR A 437 7.16 -17.72 -25.78
N TYR A 438 7.85 -17.31 -26.84
CA TYR A 438 7.37 -17.55 -28.21
C TYR A 438 8.51 -17.96 -29.14
N THR A 439 8.16 -18.58 -30.27
CA THR A 439 9.14 -18.98 -31.29
C THR A 439 9.24 -17.91 -32.37
N ALA A 440 10.47 -17.50 -32.67
CA ALA A 440 10.75 -16.45 -33.65
C ALA A 440 10.16 -16.72 -35.05
N GLN B 2 11.65 20.72 -4.85
CA GLN B 2 12.87 20.71 -5.65
C GLN B 2 14.12 20.63 -4.76
N VAL B 3 15.29 20.63 -5.40
CA VAL B 3 16.55 20.59 -4.68
C VAL B 3 17.21 21.96 -4.71
N GLY B 4 17.50 22.50 -3.53
CA GLY B 4 18.25 23.74 -3.38
C GLY B 4 19.75 23.48 -3.44
N THR B 5 20.49 24.43 -4.01
CA THR B 5 21.92 24.21 -4.27
C THR B 5 22.83 25.20 -3.53
N GLN B 6 22.24 26.03 -2.68
CA GLN B 6 22.99 27.05 -1.93
C GLN B 6 24.00 26.45 -0.94
N THR B 7 23.61 25.34 -0.29
CA THR B 7 24.38 24.74 0.79
C THR B 7 24.50 23.23 0.61
N ALA B 8 25.73 22.73 0.60
CA ALA B 8 26.00 21.32 0.40
C ALA B 8 25.35 20.49 1.51
N GLU B 9 24.63 19.45 1.11
CA GLU B 9 24.00 18.55 2.06
C GLU B 9 24.94 17.39 2.38
N ASN B 10 25.46 17.40 3.60
CA ASN B 10 26.39 16.37 4.03
C ASN B 10 25.87 15.62 5.25
N HIS B 11 25.38 14.40 5.01
CA HIS B 11 24.85 13.54 6.07
C HIS B 11 25.94 13.13 7.07
N PRO B 12 25.83 13.57 8.33
CA PRO B 12 26.82 13.20 9.33
C PRO B 12 26.94 11.69 9.46
N LYS B 13 28.16 11.18 9.44
CA LYS B 13 28.42 9.74 9.47
C LYS B 13 28.10 9.11 10.83
N LEU B 14 27.60 7.87 10.80
CA LEU B 14 27.28 7.13 12.01
C LEU B 14 27.67 5.67 11.84
N THR B 15 28.48 5.17 12.78
CA THR B 15 28.91 3.78 12.75
C THR B 15 27.79 2.88 13.27
N VAL B 16 27.57 1.77 12.58
CA VAL B 16 26.56 0.77 12.96
C VAL B 16 27.20 -0.62 12.85
N SER B 17 26.64 -1.61 13.56
CA SER B 17 27.16 -2.96 13.44
C SER B 17 26.16 -3.97 12.87
N GLN B 18 26.68 -4.85 12.01
CA GLN B 18 25.95 -5.98 11.50
C GLN B 18 26.43 -7.22 12.25
N CYS B 19 25.50 -7.93 12.87
CA CYS B 19 25.84 -9.11 13.65
C CYS B 19 25.46 -10.39 12.93
N SER B 20 26.28 -11.42 13.11
CA SER B 20 26.05 -12.71 12.50
C SER B 20 25.69 -13.74 13.56
N ALA B 21 25.18 -14.88 13.11
CA ALA B 21 24.91 -16.01 14.00
C ALA B 21 26.20 -16.41 14.73
N GLY B 22 26.24 -16.14 16.02
CA GLY B 22 27.43 -16.42 16.84
C GLY B 22 27.97 -15.19 17.54
N GLY B 23 27.20 -14.10 17.53
CA GLY B 23 27.55 -12.89 18.25
C GLY B 23 28.67 -12.05 17.65
N SER B 24 29.29 -12.57 16.60
CA SER B 24 30.30 -11.83 15.86
C SER B 24 29.67 -10.67 15.11
N CYS B 25 30.03 -9.45 15.51
CA CYS B 25 29.53 -8.25 14.85
C CYS B 25 30.66 -7.50 14.15
N THR B 26 30.45 -7.19 12.87
CA THR B 26 31.39 -6.35 12.12
C THR B 26 30.76 -4.98 11.89
N THR B 27 31.59 -3.95 11.99
CA THR B 27 31.15 -2.56 11.96
C THR B 27 30.92 -2.07 10.52
N GLU B 28 30.02 -1.10 10.37
CA GLU B 28 29.60 -0.56 9.07
C GLU B 28 29.48 0.95 9.13
N SER B 29 29.78 1.61 8.01
CA SER B 29 29.62 3.05 7.91
C SER B 29 28.28 3.43 7.30
N ARG B 30 27.46 4.12 8.09
CA ARG B 30 26.20 4.69 7.61
C ARG B 30 26.17 6.18 7.95
N SER B 31 24.97 6.77 7.90
CA SER B 31 24.81 8.21 8.12
C SER B 31 23.37 8.56 8.45
N VAL B 32 23.16 9.80 8.91
CA VAL B 32 21.80 10.27 9.20
C VAL B 32 21.42 11.49 8.38
N VAL B 33 20.13 11.60 8.04
CA VAL B 33 19.62 12.75 7.30
C VAL B 33 18.50 13.46 8.08
N LEU B 34 18.53 14.80 8.05
CA LEU B 34 17.48 15.60 8.66
C LEU B 34 16.19 15.59 7.85
N ASP B 35 15.07 15.44 8.56
CA ASP B 35 13.74 15.49 7.97
C ASP B 35 13.47 16.81 7.22
N SER B 36 12.76 16.70 6.10
CA SER B 36 12.52 17.82 5.19
C SER B 36 11.81 19.03 5.81
N ASN B 37 10.96 18.79 6.81
CA ASN B 37 10.25 19.89 7.49
C ASN B 37 11.15 20.96 8.11
N TRP B 38 12.33 20.57 8.59
CA TRP B 38 13.27 21.49 9.27
C TRP B 38 14.05 22.39 8.30
N ARG B 39 13.96 22.10 7.00
CA ARG B 39 14.88 22.70 6.04
C ARG B 39 14.47 24.09 5.56
N TRP B 40 15.47 24.85 5.13
CA TRP B 40 15.27 26.12 4.44
C TRP B 40 14.61 25.84 3.08
N LEU B 41 13.50 26.50 2.84
CA LEU B 41 12.69 26.29 1.63
C LEU B 41 12.62 27.55 0.76
N HIS B 42 13.31 27.53 -0.38
CA HIS B 42 13.45 28.73 -1.21
C HIS B 42 13.27 28.47 -2.71
N THR B 43 13.44 29.52 -3.50
CA THR B 43 13.34 29.43 -4.96
C THR B 43 14.63 28.93 -5.60
N THR B 44 14.56 28.64 -6.90
CA THR B 44 15.69 28.11 -7.65
C THR B 44 16.87 29.09 -7.76
N THR B 48 14.84 34.01 -2.12
CA THR B 48 13.44 34.19 -1.74
C THR B 48 12.87 32.92 -1.11
N ASN B 49 12.48 33.03 0.16
CA ASN B 49 11.82 31.92 0.86
C ASN B 49 10.38 31.71 0.39
N CYS B 50 9.94 30.46 0.42
CA CYS B 50 8.55 30.11 0.14
C CYS B 50 7.69 30.18 1.40
N TYR B 51 8.32 30.10 2.58
CA TYR B 51 7.64 30.19 3.87
C TYR B 51 8.64 30.41 4.99
N TRP B 56 1.81 30.77 3.76
CA TRP B 56 2.68 30.55 2.61
C TRP B 56 2.70 31.77 1.69
N ASP B 57 3.88 32.04 1.14
CA ASP B 57 4.06 33.07 0.12
C ASP B 57 3.13 32.76 -1.06
N ALA B 58 2.08 33.57 -1.20
CA ALA B 58 1.03 33.34 -2.19
C ALA B 58 1.46 33.60 -3.63
N SER B 59 2.54 34.37 -3.79
CA SER B 59 3.10 34.63 -5.11
C SER B 59 3.80 33.37 -5.64
N LEU B 60 4.47 32.66 -4.74
CA LEU B 60 5.24 31.47 -5.10
C LEU B 60 4.43 30.18 -4.94
N CYS B 61 3.44 30.22 -4.07
CA CYS B 61 2.63 29.04 -3.76
C CYS B 61 1.13 29.35 -3.76
N PRO B 62 0.56 29.67 -4.94
CA PRO B 62 -0.88 29.92 -4.99
C PRO B 62 -1.70 28.63 -4.94
N ASP B 63 -1.07 27.51 -5.28
CA ASP B 63 -1.69 26.18 -5.26
C ASP B 63 -0.61 25.12 -4.97
N PRO B 64 -1.03 23.90 -4.58
CA PRO B 64 -0.11 22.85 -4.15
C PRO B 64 0.96 22.48 -5.18
N VAL B 65 0.57 22.42 -6.44
CA VAL B 65 1.44 21.93 -7.50
C VAL B 65 2.50 22.97 -7.87
N THR B 66 2.06 24.20 -8.14
CA THR B 66 2.98 25.30 -8.44
C THR B 66 4.04 25.47 -7.32
N CYS B 67 3.57 25.47 -6.07
CA CYS B 67 4.45 25.56 -4.91
C CYS B 67 5.56 24.52 -4.95
N ALA B 68 5.18 23.25 -5.13
CA ALA B 68 6.14 22.16 -5.22
C ALA B 68 7.13 22.36 -6.36
N GLN B 69 6.65 22.91 -7.46
CA GLN B 69 7.49 23.18 -8.63
C GLN B 69 8.42 24.37 -8.41
N ASN B 70 7.96 25.35 -7.63
CA ASN B 70 8.68 26.60 -7.36
C ASN B 70 9.69 26.53 -6.20
N CYS B 71 9.52 25.56 -5.31
CA CYS B 71 10.21 25.57 -4.02
C CYS B 71 11.19 24.44 -3.78
N ALA B 72 12.38 24.81 -3.29
CA ALA B 72 13.51 23.91 -3.18
C ALA B 72 14.01 23.78 -1.75
N LEU B 73 14.21 22.52 -1.32
CA LEU B 73 14.79 22.22 -0.02
C LEU B 73 16.31 22.29 -0.12
N ASP B 74 16.94 22.88 0.90
CA ASP B 74 18.39 23.09 0.85
C ASP B 74 19.17 22.36 1.94
N GLY B 75 20.50 22.41 1.82
CA GLY B 75 21.39 21.68 2.72
C GLY B 75 21.27 22.16 4.15
N ALA B 76 21.76 21.34 5.09
CA ALA B 76 21.63 21.64 6.50
C ALA B 76 22.97 21.69 7.22
N ASP B 77 23.10 22.68 8.09
CA ASP B 77 24.19 22.75 9.04
C ASP B 77 23.77 21.94 10.27
N TYR B 78 24.21 20.68 10.33
CA TYR B 78 23.70 19.75 11.34
C TYR B 78 23.99 20.13 12.79
N SER B 79 25.27 20.13 13.16
CA SER B 79 25.68 20.47 14.52
C SER B 79 25.32 21.92 14.85
N GLY B 80 25.81 22.84 14.01
CA GLY B 80 25.68 24.27 14.27
C GLY B 80 24.26 24.80 14.44
N THR B 81 23.35 24.36 13.56
CA THR B 81 21.98 24.89 13.55
C THR B 81 20.94 23.96 14.21
N TYR B 82 21.14 22.66 14.09
CA TYR B 82 20.12 21.71 14.53
C TYR B 82 20.49 20.90 15.77
N GLY B 83 21.77 20.95 16.16
CA GLY B 83 22.25 20.26 17.36
C GLY B 83 22.44 18.76 17.19
N ILE B 84 22.71 18.36 15.95
CA ILE B 84 22.94 16.95 15.60
C ILE B 84 24.42 16.70 15.36
N SER B 85 25.02 15.85 16.21
CA SER B 85 26.42 15.49 16.06
C SER B 85 26.62 13.99 16.19
N THR B 86 27.65 13.49 15.53
CA THR B 86 27.98 12.07 15.60
C THR B 86 29.45 11.86 15.91
N SER B 87 29.74 10.90 16.77
CA SER B 87 31.10 10.51 17.06
C SER B 87 31.18 8.99 17.12
N GLY B 88 31.88 8.40 16.15
CA GLY B 88 31.96 6.95 16.04
C GLY B 88 30.57 6.37 15.85
N ASN B 89 30.15 5.57 16.82
CA ASN B 89 28.84 4.91 16.73
C ASN B 89 27.73 5.61 17.50
N ALA B 90 27.95 6.89 17.83
CA ALA B 90 27.06 7.62 18.72
C ALA B 90 26.44 8.87 18.09
N LEU B 91 25.11 8.91 18.10
CA LEU B 91 24.35 10.07 17.65
C LEU B 91 23.88 10.87 18.85
N THR B 92 24.20 12.16 18.88
CA THR B 92 23.71 13.07 19.93
C THR B 92 22.70 14.04 19.34
N LEU B 93 21.51 14.05 19.93
CA LEU B 93 20.45 14.98 19.53
C LEU B 93 20.15 15.95 20.66
N LYS B 94 20.65 17.17 20.51
CA LYS B 94 20.34 18.25 21.46
C LYS B 94 18.93 18.74 21.20
N PHE B 95 18.27 19.16 22.27
CA PHE B 95 16.85 19.54 22.21
C PHE B 95 16.67 20.96 21.67
N VAL B 96 17.27 21.93 22.35
CA VAL B 96 17.19 23.32 21.89
C VAL B 96 18.56 23.78 21.43
N THR B 97 18.63 24.19 20.17
CA THR B 97 19.81 24.82 19.61
C THR B 97 19.41 26.24 19.23
N ASN B 98 20.04 27.21 19.88
CA ASN B 98 19.78 28.62 19.59
CA ASN B 98 19.77 28.61 19.58
C ASN B 98 20.62 29.09 18.41
N GLY B 99 20.11 30.10 17.70
CA GLY B 99 20.80 30.67 16.55
C GLY B 99 20.64 32.16 16.48
N PRO B 100 21.43 32.81 15.60
CA PRO B 100 21.43 34.25 15.38
C PRO B 100 20.05 34.87 15.17
N TYR B 101 19.17 34.20 14.43
CA TYR B 101 17.89 34.80 14.04
C TYR B 101 16.66 33.94 14.35
N SER B 102 16.91 32.70 14.78
CA SER B 102 15.85 31.73 15.03
C SER B 102 16.31 30.71 16.06
N THR B 103 15.34 29.98 16.62
CA THR B 103 15.64 28.89 17.53
C THR B 103 15.12 27.58 16.94
N ASN B 104 15.95 26.54 16.99
CA ASN B 104 15.50 25.21 16.57
C ASN B 104 15.00 24.38 17.76
N ILE B 105 13.77 23.88 17.65
CA ILE B 105 13.16 23.05 18.70
C ILE B 105 13.05 21.59 18.25
N GLY B 106 13.92 20.76 18.80
CA GLY B 106 13.93 19.32 18.49
C GLY B 106 14.46 18.97 17.10
N SER B 107 14.63 17.67 16.87
CA SER B 107 15.06 17.17 15.57
C SER B 107 14.44 15.82 15.28
N ARG B 108 14.46 15.44 14.00
CA ARG B 108 14.08 14.09 13.56
C ARG B 108 15.00 13.73 12.41
N VAL B 109 15.66 12.58 12.53
CA VAL B 109 16.58 12.13 11.51
C VAL B 109 16.31 10.66 11.12
N TYR B 110 16.73 10.30 9.91
CA TYR B 110 16.57 8.94 9.39
C TYR B 110 17.93 8.34 9.09
N LEU B 111 18.07 7.02 9.28
CA LEU B 111 19.30 6.34 8.91
C LEU B 111 19.39 6.10 7.41
N MET B 112 20.46 6.60 6.82
CA MET B 112 20.77 6.39 5.41
C MET B 112 21.42 5.04 5.19
N SER B 113 21.23 4.50 3.99
CA SER B 113 21.91 3.27 3.57
C SER B 113 23.35 3.57 3.19
N ALA B 114 24.09 2.51 2.87
CA ALA B 114 25.47 2.63 2.40
C ALA B 114 25.64 3.65 1.27
N ASP B 115 24.63 3.79 0.42
CA ASP B 115 24.73 4.69 -0.74
C ASP B 115 24.62 6.18 -0.39
N ASP B 116 24.31 6.47 0.88
CA ASP B 116 24.14 7.84 1.37
C ASP B 116 23.10 8.67 0.61
N THR B 117 22.24 7.99 -0.14
CA THR B 117 21.20 8.65 -0.95
C THR B 117 19.79 8.15 -0.56
N ASN B 118 19.65 6.83 -0.46
CA ASN B 118 18.40 6.21 -0.04
C ASN B 118 18.47 5.86 1.44
N TYR B 119 17.30 5.85 2.09
CA TYR B 119 17.21 5.38 3.46
C TYR B 119 17.61 3.91 3.56
N GLU B 120 18.20 3.54 4.70
CA GLU B 120 18.45 2.13 4.99
C GLU B 120 17.10 1.47 5.24
N ILE B 121 16.85 0.36 4.54
CA ILE B 121 15.63 -0.42 4.73
C ILE B 121 15.92 -1.57 5.69
N PHE B 122 15.11 -1.65 6.75
CA PHE B 122 15.22 -2.73 7.73
C PHE B 122 14.12 -3.77 7.53
N LYS B 123 14.52 -5.04 7.59
CA LYS B 123 13.58 -6.16 7.55
C LYS B 123 13.63 -6.83 8.93
N LEU B 124 12.77 -6.39 9.83
CA LEU B 124 12.88 -6.74 11.25
C LEU B 124 12.36 -8.11 11.68
N LYS B 125 11.55 -8.76 10.83
CA LYS B 125 10.98 -10.08 11.17
C LYS B 125 12.08 -11.14 11.34
N ASN B 126 11.95 -11.92 12.42
CA ASN B 126 12.94 -12.94 12.78
C ASN B 126 14.33 -12.34 13.01
N GLN B 127 14.35 -11.07 13.42
CA GLN B 127 15.59 -10.34 13.62
C GLN B 127 15.58 -9.64 14.96
N GLU B 128 16.76 -9.20 15.38
CA GLU B 128 16.96 -8.57 16.66
C GLU B 128 17.62 -7.20 16.43
N PHE B 129 17.11 -6.19 17.11
CA PHE B 129 17.67 -4.84 17.02
C PHE B 129 18.06 -4.33 18.40
N ALA B 130 19.32 -3.95 18.54
CA ALA B 130 19.85 -3.38 19.78
C ALA B 130 20.47 -2.01 19.55
N PHE B 131 20.38 -1.17 20.59
CA PHE B 131 21.06 0.13 20.64
C PHE B 131 21.33 0.49 22.09
N ASP B 132 22.40 1.24 22.32
CA ASP B 132 22.67 1.83 23.62
C ASP B 132 22.04 3.21 23.67
N VAL B 133 21.53 3.59 24.85
CA VAL B 133 20.94 4.92 25.05
C VAL B 133 21.40 5.55 26.37
N ASP B 134 21.64 6.86 26.33
CA ASP B 134 21.87 7.66 27.52
C ASP B 134 20.75 8.69 27.62
N MET B 135 19.89 8.53 28.61
CA MET B 135 18.76 9.44 28.80
C MET B 135 18.96 10.34 30.01
N SER B 136 20.13 10.29 30.64
CA SER B 136 20.37 11.06 31.86
C SER B 136 20.01 12.53 31.68
N ASN B 137 20.02 12.99 30.43
CA ASN B 137 19.71 14.39 30.08
C ASN B 137 18.32 14.60 29.52
N LEU B 138 17.44 13.62 29.69
CA LEU B 138 16.05 13.71 29.22
C LEU B 138 15.08 13.80 30.39
N PRO B 139 14.66 15.02 30.74
CA PRO B 139 13.79 15.19 31.91
C PRO B 139 12.35 14.82 31.59
N CYS B 140 11.43 15.08 32.53
CA CYS B 140 9.99 14.98 32.28
C CYS B 140 9.61 15.77 31.04
N GLY B 141 8.55 15.33 30.35
CA GLY B 141 8.05 16.02 29.16
C GLY B 141 8.89 15.93 27.90
N LEU B 142 10.05 15.27 27.99
CA LEU B 142 10.88 15.08 26.81
C LEU B 142 10.83 13.64 26.31
N ASN B 143 11.07 13.45 25.01
CA ASN B 143 11.09 12.14 24.40
C ASN B 143 12.32 11.98 23.51
N GLY B 144 13.16 11.02 23.84
CA GLY B 144 14.22 10.59 22.94
C GLY B 144 13.72 9.33 22.27
N ALA B 145 13.21 9.48 21.04
CA ALA B 145 12.52 8.40 20.36
C ALA B 145 13.33 7.71 19.27
N LEU B 146 13.34 6.38 19.32
CA LEU B 146 13.92 5.56 18.27
C LEU B 146 12.82 4.60 17.79
N TYR B 147 12.48 4.70 16.51
CA TYR B 147 11.37 3.93 15.97
C TYR B 147 11.50 3.74 14.47
N PHE B 148 10.66 2.88 13.93
CA PHE B 148 10.68 2.57 12.50
C PHE B 148 9.33 2.91 11.87
N VAL B 149 9.35 3.39 10.63
CA VAL B 149 8.11 3.71 9.90
C VAL B 149 8.19 3.18 8.48
N GLU B 150 7.03 2.87 7.91
CA GLU B 150 7.00 2.28 6.58
C GLU B 150 7.12 3.31 5.46
N MET B 151 8.19 4.09 5.53
CA MET B 151 8.51 5.06 4.50
C MET B 151 9.11 4.39 3.29
N ASP B 152 8.91 4.99 2.12
CA ASP B 152 9.63 4.57 0.91
C ASP B 152 11.12 4.79 1.08
N ALA B 153 11.92 3.84 0.58
CA ALA B 153 13.38 3.97 0.64
C ALA B 153 13.90 5.29 0.03
N ASP B 154 13.26 5.76 -1.04
CA ASP B 154 13.69 7.02 -1.65
C ASP B 154 12.95 8.26 -1.13
N GLY B 155 12.08 8.06 -0.13
CA GLY B 155 11.27 9.14 0.42
C GLY B 155 10.24 9.71 -0.54
N GLY B 156 9.88 8.92 -1.56
CA GLY B 156 8.86 9.33 -2.51
C GLY B 156 9.38 9.93 -3.80
N LEU B 157 10.69 9.87 -4.02
CA LEU B 157 11.32 10.46 -5.21
C LEU B 157 10.72 9.88 -6.49
N SER B 158 10.67 8.55 -6.59
CA SER B 158 10.21 7.89 -7.82
C SER B 158 8.68 7.80 -7.94
N ARG B 159 7.97 7.90 -6.81
CA ARG B 159 6.50 7.84 -6.78
C ARG B 159 5.80 9.11 -7.20
N PHE B 160 6.39 10.25 -6.85
CA PHE B 160 5.75 11.54 -7.01
C PHE B 160 6.59 12.42 -7.91
N PRO B 161 6.07 12.71 -9.12
CA PRO B 161 6.74 13.52 -10.14
C PRO B 161 7.33 14.84 -9.62
N ASN B 162 6.58 15.56 -8.79
CA ASN B 162 7.02 16.87 -8.32
C ASN B 162 7.80 16.84 -7.01
N ASN B 163 8.10 15.63 -6.52
CA ASN B 163 9.16 15.45 -5.53
C ASN B 163 10.46 15.13 -6.27
N LYS B 164 11.35 16.11 -6.31
CA LYS B 164 12.64 15.96 -6.97
C LYS B 164 13.76 15.92 -5.94
N ALA B 165 13.39 16.06 -4.67
CA ALA B 165 14.36 16.09 -3.57
C ALA B 165 14.64 14.70 -3.02
N GLY B 166 13.59 13.99 -2.63
CA GLY B 166 13.70 12.61 -2.17
C GLY B 166 14.42 12.46 -0.85
N SER B 167 14.91 11.25 -0.61
CA SER B 167 15.51 10.85 0.67
C SER B 167 16.79 11.61 1.08
N LYS B 168 17.55 12.10 0.11
CA LYS B 168 18.76 12.90 0.40
C LYS B 168 18.41 14.12 1.26
N TYR B 169 17.20 14.62 1.09
CA TYR B 169 16.72 15.79 1.83
C TYR B 169 15.63 15.44 2.85
N GLY B 170 15.53 14.15 3.17
CA GLY B 170 14.64 13.68 4.22
C GLY B 170 13.15 13.80 3.96
N THR B 171 12.75 13.61 2.71
CA THR B 171 11.34 13.74 2.38
C THR B 171 10.56 12.45 2.68
N GLY B 172 9.24 12.57 2.74
CA GLY B 172 8.38 11.38 2.71
C GLY B 172 8.02 10.78 4.06
N TYR B 173 8.14 11.58 5.11
CA TYR B 173 7.77 11.11 6.43
C TYR B 173 6.30 10.69 6.52
N CYS B 174 6.08 9.60 7.24
CA CYS B 174 4.75 9.20 7.65
C CYS B 174 4.87 8.50 9.00
N ASP B 175 3.76 8.47 9.74
CA ASP B 175 3.63 7.60 10.92
C ASP B 175 2.15 7.42 11.25
N THR B 176 1.84 6.63 12.28
CA THR B 176 0.44 6.28 12.57
C THR B 176 -0.33 7.43 13.22
N GLN B 177 0.33 8.55 13.45
CA GLN B 177 -0.35 9.76 13.92
C GLN B 177 -0.89 10.54 12.75
N CYS B 178 -0.55 10.11 11.53
CA CYS B 178 -1.00 10.77 10.30
C CYS B 178 -0.72 12.28 10.34
N PRO B 179 0.53 12.68 10.64
CA PRO B 179 0.84 14.09 10.88
C PRO B 179 0.43 14.99 9.70
N GLN B 180 -0.42 15.97 10.00
CA GLN B 180 -0.92 16.93 9.01
C GLN B 180 -0.07 18.19 8.92
N ASP B 181 0.95 18.26 9.77
CA ASP B 181 1.91 19.35 9.77
C ASP B 181 3.08 19.15 8.80
N ILE B 182 2.98 18.12 7.96
CA ILE B 182 4.00 17.85 6.94
C ILE B 182 3.78 18.80 5.78
N LYS B 183 4.82 19.53 5.40
CA LYS B 183 4.71 20.56 4.37
C LYS B 183 4.60 19.98 2.97
N PHE B 184 5.29 18.86 2.72
CA PHE B 184 5.21 18.19 1.42
C PHE B 184 4.78 16.74 1.56
N ILE B 185 3.63 16.43 0.96
CA ILE B 185 3.11 15.06 0.90
C ILE B 185 2.73 14.73 -0.54
N ASN B 186 3.23 13.60 -1.04
CA ASN B 186 2.97 13.15 -2.41
C ASN B 186 3.47 14.14 -3.45
N GLY B 187 4.57 14.80 -3.13
CA GLY B 187 5.22 15.76 -4.03
C GLY B 187 4.43 17.04 -4.22
N GLU B 188 3.43 17.26 -3.38
CA GLU B 188 2.64 18.48 -3.42
C GLU B 188 2.70 19.24 -2.11
N ALA B 189 2.68 20.56 -2.20
CA ALA B 189 2.71 21.39 -1.00
C ALA B 189 1.39 21.21 -0.27
N ASN B 190 1.51 20.88 1.01
CA ASN B 190 0.34 20.68 1.86
C ASN B 190 -0.20 22.04 2.34
N ILE B 191 -0.68 22.84 1.39
CA ILE B 191 -1.07 24.24 1.64
C ILE B 191 -2.58 24.47 1.77
N LEU B 192 -3.39 23.51 1.33
CA LEU B 192 -4.85 23.66 1.33
C LEU B 192 -5.41 23.76 2.73
N GLY B 193 -6.12 24.85 3.00
CA GLY B 193 -6.66 25.11 4.33
C GLY B 193 -5.59 25.20 5.39
N TRP B 194 -4.48 25.86 5.06
CA TRP B 194 -3.34 26.00 5.97
C TRP B 194 -3.73 26.66 7.30
N THR B 195 -3.02 26.29 8.36
CA THR B 195 -3.33 26.71 9.72
C THR B 195 -2.03 26.77 10.53
N PRO B 196 -1.50 28.00 10.76
CA PRO B 196 -0.21 28.10 11.45
C PRO B 196 -0.34 27.95 12.97
N GLY B 204 2.74 24.68 10.80
CA GLY B 204 1.28 24.69 10.78
C GLY B 204 0.65 23.42 10.24
N THR B 205 -0.62 23.49 9.86
CA THR B 205 -1.39 22.32 9.47
C THR B 205 -2.09 22.47 8.11
N GLY B 206 -1.81 21.54 7.21
CA GLY B 206 -2.51 21.45 5.94
C GLY B 206 -3.67 20.46 6.02
N GLN B 207 -4.44 20.39 4.94
CA GLN B 207 -5.59 19.50 4.86
C GLN B 207 -5.16 18.02 4.91
N TYR B 208 -3.98 17.75 4.37
CA TYR B 208 -3.51 16.37 4.22
C TYR B 208 -2.59 15.94 5.33
N GLY B 209 -2.68 14.65 5.67
CA GLY B 209 -1.73 14.01 6.58
C GLY B 209 -1.03 12.85 5.88
N SER B 210 0.07 12.41 6.46
CA SER B 210 0.88 11.33 5.88
C SER B 210 0.96 10.16 6.84
N CYS B 211 0.34 9.05 6.46
CA CYS B 211 0.14 7.90 7.34
C CYS B 211 0.91 6.67 6.91
N CYS B 212 1.40 5.91 7.89
CA CYS B 212 1.94 4.57 7.65
C CYS B 212 2.20 3.77 8.91
N ASN B 213 2.33 2.46 8.75
CA ASN B 213 2.68 1.56 9.84
C ASN B 213 3.91 2.03 10.59
N GLU B 214 3.93 1.81 11.91
CA GLU B 214 4.96 2.38 12.77
C GLU B 214 5.28 1.46 13.95
N MET B 215 6.54 1.08 14.06
CA MET B 215 7.03 0.34 15.23
C MET B 215 7.80 1.27 16.15
N ASP B 216 7.17 1.70 17.23
CA ASP B 216 7.84 2.51 18.23
C ASP B 216 8.65 1.63 19.17
N VAL B 217 9.90 1.40 18.81
CA VAL B 217 10.80 0.56 19.59
C VAL B 217 11.11 1.25 20.93
N TRP B 218 11.27 2.57 20.88
CA TRP B 218 11.67 3.34 22.05
C TRP B 218 11.05 4.74 22.06
N GLU B 219 10.18 4.99 23.03
CA GLU B 219 9.70 6.33 23.31
C GLU B 219 9.89 6.54 24.81
N ALA B 220 10.78 7.44 25.20
CA ALA B 220 11.25 7.47 26.58
C ALA B 220 12.03 8.69 27.00
N ASN B 221 12.00 8.92 28.32
CA ASN B 221 12.94 9.81 29.00
C ASN B 221 13.47 9.12 30.25
N ILE B 222 14.20 9.87 31.08
CA ILE B 222 14.81 9.32 32.30
C ILE B 222 13.81 8.70 33.30
N ASN B 223 12.55 9.10 33.19
CA ASN B 223 11.46 8.63 34.06
C ASN B 223 10.75 7.34 33.62
N SER B 224 10.25 7.32 32.38
CA SER B 224 9.46 6.19 31.87
C SER B 224 9.68 5.93 30.40
N ALA B 225 9.52 4.66 30.01
CA ALA B 225 9.69 4.21 28.63
C ALA B 225 8.49 3.36 28.16
N ALA B 226 8.22 3.41 26.85
CA ALA B 226 7.19 2.57 26.23
C ALA B 226 7.65 2.02 24.88
N VAL B 227 7.38 0.74 24.66
CA VAL B 227 7.59 0.10 23.36
C VAL B 227 6.20 -0.22 22.79
N THR B 228 5.97 0.18 21.52
CA THR B 228 4.61 0.23 20.96
C THR B 228 4.53 0.05 19.44
N PRO B 229 4.07 -1.14 18.98
CA PRO B 229 3.69 -1.22 17.57
C PRO B 229 2.37 -0.48 17.32
N HIS B 230 2.23 0.13 16.15
CA HIS B 230 0.98 0.74 15.69
C HIS B 230 0.75 0.25 14.26
N VAL B 231 -0.50 -0.05 13.91
CA VAL B 231 -0.82 -0.44 12.51
C VAL B 231 -1.90 0.40 11.81
N CYS B 232 -1.90 0.28 10.47
CA CYS B 232 -2.90 0.93 9.60
C CYS B 232 -3.51 -0.08 8.63
N ASN B 233 -4.65 0.30 8.05
CA ASN B 233 -5.30 -0.52 7.00
C ASN B 233 -4.75 -0.21 5.59
N VAL B 234 -3.64 0.51 5.54
CA VAL B 234 -2.96 0.84 4.29
C VAL B 234 -1.51 0.32 4.36
N GLN B 235 -0.90 0.17 3.19
CA GLN B 235 0.48 -0.32 3.07
C GLN B 235 1.41 0.80 2.58
N GLY B 236 2.43 1.11 3.37
CA GLY B 236 3.39 2.16 3.05
C GLY B 236 2.83 3.55 3.23
N GLN B 237 3.61 4.56 2.84
CA GLN B 237 3.24 5.96 3.02
C GLN B 237 2.00 6.32 2.20
N THR B 238 0.98 6.79 2.91
CA THR B 238 -0.32 7.03 2.32
C THR B 238 -0.86 8.38 2.80
N ARG B 239 -1.29 9.20 1.85
CA ARG B 239 -1.87 10.51 2.17
C ARG B 239 -3.31 10.34 2.63
N CYS B 240 -3.65 11.03 3.73
CA CYS B 240 -5.01 11.01 4.25
C CYS B 240 -5.66 12.39 4.16
N SER B 241 -6.98 12.40 4.20
CA SER B 241 -7.77 13.62 4.35
C SER B 241 -9.05 13.29 5.12
N GLY B 242 -9.63 14.27 5.77
CA GLY B 242 -10.90 14.11 6.48
C GLY B 242 -10.84 13.06 7.60
N THR B 243 -11.86 12.20 7.63
CA THR B 243 -11.97 11.12 8.62
C THR B 243 -10.72 10.21 8.68
N GLN B 244 -10.08 10.02 7.54
CA GLN B 244 -8.91 9.14 7.42
C GLN B 244 -7.76 9.52 8.34
N CYS B 245 -7.58 10.82 8.58
CA CYS B 245 -6.45 11.29 9.37
C CYS B 245 -6.67 11.09 10.88
N GLY B 246 -7.92 10.83 11.25
CA GLY B 246 -8.29 10.52 12.64
C GLY B 246 -8.14 11.67 13.61
N ASP B 247 -8.68 12.83 13.27
CA ASP B 247 -8.55 14.02 14.12
C ASP B 247 -9.57 14.07 15.25
N GLY B 248 -9.05 14.40 16.44
CA GLY B 248 -9.85 14.55 17.66
C GLY B 248 -10.93 13.50 17.86
N ASP B 249 -12.16 13.90 17.57
CA ASP B 249 -13.36 13.07 17.68
C ASP B 249 -13.24 11.75 16.90
N GLU B 250 -12.55 11.80 15.76
CA GLU B 250 -12.48 10.66 14.85
C GLU B 250 -11.19 9.84 15.08
N ARG B 251 -10.63 9.95 16.29
CA ARG B 251 -9.38 9.28 16.67
C ARG B 251 -9.35 7.81 16.32
N TYR B 252 -10.49 7.13 16.47
CA TYR B 252 -10.58 5.70 16.21
C TYR B 252 -11.31 5.35 14.92
N ASP B 253 -11.52 6.37 14.08
CA ASP B 253 -12.27 6.20 12.84
C ASP B 253 -11.40 6.41 11.59
N GLY B 254 -10.11 6.62 11.79
CA GLY B 254 -9.17 6.87 10.70
C GLY B 254 -8.44 5.61 10.25
N ILE B 255 -7.52 5.76 9.32
CA ILE B 255 -6.85 4.61 8.72
C ILE B 255 -5.76 3.98 9.58
N CYS B 256 -5.29 4.71 10.61
CA CYS B 256 -4.22 4.19 11.47
C CYS B 256 -4.60 4.16 12.93
N ASP B 257 -3.89 3.31 13.67
CA ASP B 257 -4.09 3.17 15.11
C ASP B 257 -3.14 4.12 15.86
N LYS B 258 -3.71 5.22 16.36
CA LYS B 258 -2.94 6.28 17.03
C LYS B 258 -2.40 5.87 18.39
N ASP B 259 -3.16 5.05 19.11
CA ASP B 259 -2.82 4.63 20.47
C ASP B 259 -1.68 3.60 20.49
N GLY B 260 -1.75 2.64 19.58
CA GLY B 260 -0.80 1.54 19.53
C GLY B 260 -1.05 0.53 20.64
N CYS B 261 -0.37 -0.61 20.58
CA CYS B 261 -0.41 -1.57 21.66
C CYS B 261 0.86 -1.49 22.47
N ASP B 262 0.77 -0.82 23.61
CA ASP B 262 1.97 -0.40 24.33
C ASP B 262 2.35 -1.26 25.52
N PHE B 263 3.67 -1.36 25.73
CA PHE B 263 4.23 -1.91 26.94
C PHE B 263 5.09 -0.84 27.59
N ASN B 264 4.54 -0.22 28.63
CA ASN B 264 5.27 0.68 29.50
C ASN B 264 5.27 -0.01 30.86
N SER B 265 6.44 -0.47 31.30
CA SER B 265 6.56 -1.23 32.55
C SER B 265 5.87 -0.57 33.74
N PHE B 266 5.95 0.75 33.80
CA PHE B 266 5.25 1.54 34.81
C PHE B 266 3.73 1.48 34.66
N ARG B 267 3.24 1.73 33.44
CA ARG B 267 1.81 1.64 33.14
C ARG B 267 1.27 0.21 33.31
N MET B 268 2.15 -0.78 33.06
CA MET B 268 1.78 -2.18 33.25
C MET B 268 1.90 -2.64 34.70
N GLY B 269 2.14 -1.70 35.62
CA GLY B 269 2.09 -1.96 37.07
C GLY B 269 3.38 -2.34 37.77
N ASN B 270 4.53 -2.01 37.17
CA ASN B 270 5.80 -2.12 37.87
C ASN B 270 6.48 -0.76 37.95
N GLN B 271 6.47 -0.16 39.14
CA GLN B 271 6.92 1.22 39.33
C GLN B 271 8.36 1.36 39.80
N THR B 272 9.07 0.24 39.92
CA THR B 272 10.42 0.24 40.45
C THR B 272 11.41 -0.31 39.42
N PHE B 273 10.88 -0.65 38.24
CA PHE B 273 11.67 -1.33 37.23
C PHE B 273 12.56 -0.39 36.42
N LEU B 274 11.99 0.73 35.97
CA LEU B 274 12.73 1.59 35.06
C LEU B 274 12.72 3.04 35.49
N GLY B 275 13.91 3.58 35.72
CA GLY B 275 14.07 4.97 36.13
C GLY B 275 15.34 5.21 36.92
N PRO B 276 15.40 6.38 37.60
CA PRO B 276 16.56 6.77 38.41
C PRO B 276 16.91 5.73 39.46
N GLY B 277 18.08 5.13 39.34
CA GLY B 277 18.57 4.13 40.29
C GLY B 277 17.77 2.84 40.35
N LYS B 278 16.88 2.62 39.39
CA LYS B 278 15.99 1.46 39.39
C LYS B 278 16.63 0.26 38.69
N THR B 279 15.91 -0.86 38.65
CA THR B 279 16.44 -2.10 38.09
C THR B 279 17.11 -1.83 36.73
N VAL B 280 16.39 -1.15 35.85
CA VAL B 280 17.02 -0.52 34.69
C VAL B 280 17.37 0.91 35.09
N ASN B 281 18.65 1.15 35.33
CA ASN B 281 19.10 2.44 35.86
C ASN B 281 19.35 3.46 34.76
N THR B 282 18.47 4.45 34.68
CA THR B 282 18.43 5.39 33.57
C THR B 282 19.36 6.59 33.80
N ASN B 283 20.09 6.55 34.90
CA ASN B 283 21.12 7.55 35.17
C ASN B 283 22.39 7.24 34.38
N SER B 284 22.52 5.98 33.98
CA SER B 284 23.63 5.53 33.16
C SER B 284 23.14 5.05 31.79
N LYS B 285 24.09 4.92 30.87
CA LYS B 285 23.85 4.33 29.57
C LYS B 285 23.46 2.85 29.72
N PHE B 286 22.56 2.37 28.88
CA PHE B 286 22.22 0.94 28.85
C PHE B 286 21.77 0.47 27.45
N THR B 287 21.97 -0.82 27.19
CA THR B 287 21.54 -1.45 25.95
C THR B 287 20.05 -1.80 26.03
N VAL B 288 19.34 -1.50 24.94
CA VAL B 288 17.94 -1.87 24.78
C VAL B 288 17.87 -2.85 23.62
N VAL B 289 17.47 -4.09 23.93
CA VAL B 289 17.39 -5.15 22.91
C VAL B 289 15.93 -5.48 22.63
N THR B 290 15.54 -5.42 21.36
CA THR B 290 14.17 -5.73 20.96
C THR B 290 14.12 -6.84 19.92
N GLN B 291 13.40 -7.91 20.27
CA GLN B 291 13.37 -9.12 19.46
C GLN B 291 12.02 -9.26 18.78
N PHE B 292 12.05 -9.49 17.47
CA PHE B 292 10.82 -9.63 16.69
C PHE B 292 10.61 -11.07 16.25
N LEU B 293 9.89 -11.83 17.06
CA LEU B 293 9.75 -13.27 16.87
C LEU B 293 8.58 -13.62 15.97
N THR B 294 8.82 -14.56 15.06
CA THR B 294 7.79 -15.05 14.14
C THR B 294 7.18 -16.34 14.67
N SER B 295 6.19 -16.88 13.95
CA SER B 295 5.50 -18.11 14.37
C SER B 295 6.39 -19.35 14.24
N ASP B 296 7.12 -19.45 13.13
CA ASP B 296 7.92 -20.64 12.85
C ASP B 296 9.44 -20.40 12.88
N ASN B 297 9.85 -19.25 13.44
CA ASN B 297 11.27 -18.85 13.54
C ASN B 297 11.98 -18.69 12.20
N THR B 298 11.21 -18.45 11.15
CA THR B 298 11.75 -18.11 9.84
C THR B 298 11.24 -16.73 9.48
N THR B 299 11.90 -16.09 8.51
CA THR B 299 11.49 -14.75 8.10
C THR B 299 10.26 -14.77 7.17
N THR B 300 9.77 -15.96 6.87
CA THR B 300 8.54 -16.11 6.09
C THR B 300 7.30 -16.29 7.00
N GLY B 301 7.53 -16.60 8.27
CA GLY B 301 6.46 -16.77 9.24
C GLY B 301 5.81 -15.47 9.67
N THR B 302 4.75 -15.58 10.46
CA THR B 302 3.97 -14.42 10.92
C THR B 302 4.53 -13.80 12.19
N LEU B 303 4.64 -12.47 12.24
CA LEU B 303 5.09 -11.77 13.45
C LEU B 303 4.16 -12.08 14.62
N HIS B 304 4.71 -12.70 15.67
CA HIS B 304 3.92 -13.25 16.75
C HIS B 304 4.20 -12.62 18.12
N GLU B 305 5.44 -12.17 18.32
CA GLU B 305 5.84 -11.66 19.62
C GLU B 305 6.94 -10.62 19.50
N ILE B 306 6.80 -9.53 20.27
CA ILE B 306 7.87 -8.55 20.41
C ILE B 306 8.40 -8.68 21.84
N ARG B 307 9.66 -9.12 21.97
CA ARG B 307 10.29 -9.32 23.29
C ARG B 307 11.33 -8.25 23.55
N ARG B 308 11.47 -7.88 24.82
CA ARG B 308 12.40 -6.84 25.24
C ARG B 308 13.39 -7.35 26.30
N LEU B 309 14.67 -7.06 26.07
CA LEU B 309 15.73 -7.27 27.06
C LEU B 309 16.51 -5.98 27.24
N TYR B 310 17.14 -5.85 28.40
CA TYR B 310 18.05 -4.73 28.65
C TYR B 310 19.43 -5.29 29.04
N VAL B 311 20.47 -4.53 28.74
CA VAL B 311 21.80 -4.88 29.23
C VAL B 311 22.44 -3.66 29.88
N GLN B 312 22.89 -3.83 31.11
CA GLN B 312 23.59 -2.77 31.83
C GLN B 312 24.67 -3.39 32.72
N ASN B 313 25.88 -2.84 32.60
CA ASN B 313 27.04 -3.28 33.38
C ASN B 313 27.35 -4.76 33.17
N GLY B 314 27.12 -5.22 31.94
CA GLY B 314 27.39 -6.60 31.55
C GLY B 314 26.37 -7.59 32.09
N LYS B 315 25.26 -7.06 32.62
CA LYS B 315 24.20 -7.89 33.19
C LYS B 315 22.93 -7.80 32.34
N VAL B 316 22.40 -8.96 31.97
CA VAL B 316 21.14 -9.05 31.21
C VAL B 316 19.99 -8.84 32.19
N ILE B 317 19.13 -7.89 31.89
CA ILE B 317 17.93 -7.62 32.69
C ILE B 317 16.70 -8.00 31.86
N ALA B 318 15.96 -9.01 32.33
CA ALA B 318 14.74 -9.45 31.64
C ALA B 318 13.67 -8.36 31.74
N ASN B 319 12.81 -8.30 30.73
CA ASN B 319 11.69 -7.34 30.77
C ASN B 319 10.77 -7.68 31.93
N SER B 320 10.22 -6.64 32.56
CA SER B 320 9.31 -6.79 33.69
C SER B 320 8.02 -7.48 33.27
N LYS B 321 7.34 -8.07 34.25
CA LYS B 321 6.03 -8.70 34.00
C LYS B 321 4.91 -7.70 34.25
N THR B 322 3.75 -7.96 33.64
CA THR B 322 2.55 -7.16 33.88
C THR B 322 2.00 -7.45 35.26
N ASN B 323 1.41 -6.43 35.88
CA ASN B 323 0.92 -6.50 37.26
C ASN B 323 -0.37 -5.68 37.33
N ILE B 324 -1.38 -6.16 36.63
CA ILE B 324 -2.66 -5.46 36.51
C ILE B 324 -3.77 -6.39 36.98
N ALA B 325 -4.53 -5.93 37.97
CA ALA B 325 -5.63 -6.69 38.55
C ALA B 325 -6.64 -7.09 37.48
N GLY B 326 -7.09 -8.34 37.53
CA GLY B 326 -7.99 -8.90 36.54
C GLY B 326 -7.32 -9.27 35.21
N MET B 327 -6.01 -9.05 35.11
CA MET B 327 -5.31 -9.28 33.85
C MET B 327 -4.28 -10.40 33.95
N SER B 328 -4.22 -11.23 32.91
CA SER B 328 -3.20 -12.28 32.80
C SER B 328 -1.78 -11.71 32.79
N GLN B 329 -0.81 -12.55 33.12
CA GLN B 329 0.58 -12.10 33.17
C GLN B 329 1.27 -12.24 31.82
N PHE B 330 1.96 -11.18 31.42
CA PHE B 330 2.75 -11.14 30.18
C PHE B 330 4.06 -10.43 30.47
N ASP B 331 5.09 -10.74 29.70
CA ASP B 331 6.36 -10.01 29.78
C ASP B 331 6.82 -9.53 28.39
N SER B 332 5.87 -9.49 27.46
CA SER B 332 6.14 -9.18 26.05
C SER B 332 4.86 -8.72 25.34
N ILE B 333 5.01 -8.33 24.08
CA ILE B 333 3.86 -7.90 23.28
C ILE B 333 3.43 -9.00 22.31
N THR B 334 2.24 -9.54 22.56
CA THR B 334 1.61 -10.51 21.67
C THR B 334 0.22 -10.00 21.40
N ASP B 335 -0.46 -10.57 20.41
CA ASP B 335 -1.86 -10.22 20.14
C ASP B 335 -2.74 -10.47 21.37
N ASP B 336 -2.48 -11.57 22.08
CA ASP B 336 -3.17 -11.89 23.32
C ASP B 336 -2.98 -10.80 24.38
N PHE B 337 -1.72 -10.40 24.59
CA PHE B 337 -1.43 -9.27 25.49
C PHE B 337 -2.23 -8.03 25.11
N CYS B 338 -2.27 -7.74 23.80
CA CYS B 338 -2.95 -6.55 23.29
C CYS B 338 -4.45 -6.60 23.56
N ASN B 339 -5.07 -7.76 23.39
CA ASN B 339 -6.47 -7.95 23.75
C ASN B 339 -6.70 -7.78 25.24
N ALA B 340 -5.83 -8.39 26.04
CA ALA B 340 -5.96 -8.35 27.50
C ALA B 340 -5.83 -6.92 28.03
N GLN B 341 -4.79 -6.23 27.57
CA GLN B 341 -4.45 -4.89 28.03
C GLN B 341 -5.52 -3.86 27.66
N LYS B 342 -6.00 -3.91 26.42
CA LYS B 342 -6.99 -2.93 25.95
C LYS B 342 -8.31 -3.06 26.68
N THR B 343 -8.68 -4.29 27.04
CA THR B 343 -9.86 -4.56 27.86
C THR B 343 -9.64 -4.08 29.30
N ALA B 344 -8.52 -4.49 29.89
CA ALA B 344 -8.16 -4.10 31.26
C ALA B 344 -8.07 -2.59 31.47
N PHE B 345 -7.59 -1.85 30.47
CA PHE B 345 -7.49 -0.39 30.56
C PHE B 345 -8.71 0.33 29.98
N GLY B 346 -9.63 -0.43 29.39
CA GLY B 346 -10.82 0.15 28.75
C GLY B 346 -10.54 1.02 27.54
N ASP B 347 -9.50 0.67 26.78
CA ASP B 347 -9.12 1.41 25.58
C ASP B 347 -9.61 0.72 24.31
N THR B 348 -10.05 1.51 23.33
CA THR B 348 -10.49 0.96 22.05
C THR B 348 -9.34 0.19 21.40
N ASN B 349 -9.57 -1.10 21.10
CA ASN B 349 -8.53 -1.92 20.49
C ASN B 349 -8.45 -1.74 18.97
N SER B 350 -8.00 -0.56 18.54
CA SER B 350 -7.77 -0.28 17.12
C SER B 350 -6.62 -1.10 16.56
N PHE B 351 -5.60 -1.33 17.39
CA PHE B 351 -4.44 -2.13 16.98
C PHE B 351 -4.83 -3.49 16.42
N GLU B 352 -5.63 -4.25 17.18
CA GLU B 352 -6.06 -5.59 16.73
C GLU B 352 -7.12 -5.49 15.63
N ASN B 353 -8.01 -4.52 15.74
CA ASN B 353 -9.03 -4.30 14.70
C ASN B 353 -8.44 -3.99 13.32
N LEU B 354 -7.32 -3.27 13.30
CA LEU B 354 -6.60 -2.98 12.07
C LEU B 354 -5.55 -4.06 11.70
N GLY B 355 -5.58 -5.18 12.41
CA GLY B 355 -4.88 -6.39 11.98
C GLY B 355 -3.71 -6.84 12.82
N GLY B 356 -3.48 -6.13 13.92
CA GLY B 356 -2.51 -6.52 14.95
C GLY B 356 -1.10 -6.80 14.45
N LEU B 357 -0.44 -7.74 15.11
CA LEU B 357 0.95 -8.08 14.82
C LEU B 357 1.21 -8.66 13.42
N ASN B 358 0.21 -9.36 12.87
CA ASN B 358 0.31 -9.85 11.49
C ASN B 358 0.57 -8.70 10.52
N VAL B 359 -0.21 -7.63 10.64
CA VAL B 359 -0.08 -6.45 9.78
C VAL B 359 1.22 -5.67 10.05
N MET B 360 1.62 -5.55 11.31
CA MET B 360 2.91 -4.95 11.65
C MET B 360 4.04 -5.74 10.99
N GLY B 361 3.92 -7.06 11.01
CA GLY B 361 4.94 -7.94 10.45
C GLY B 361 5.00 -7.83 8.94
N GLN B 362 3.84 -7.60 8.32
CA GLN B 362 3.78 -7.41 6.87
C GLN B 362 4.46 -6.09 6.47
N ALA B 363 4.31 -5.08 7.31
CA ALA B 363 5.08 -3.85 7.13
C ALA B 363 6.59 -4.10 7.24
N PHE B 364 7.00 -4.96 8.18
CA PHE B 364 8.42 -5.36 8.26
C PHE B 364 8.91 -6.05 6.98
N ASP B 365 8.06 -6.88 6.39
CA ASP B 365 8.40 -7.59 5.13
C ASP B 365 8.68 -6.62 3.99
N LYS B 366 7.86 -5.58 3.88
CA LYS B 366 8.08 -4.55 2.86
C LYS B 366 9.35 -3.76 3.16
N GLY B 367 9.55 -3.46 4.44
CA GLY B 367 10.72 -2.69 4.87
C GLY B 367 10.36 -1.42 5.62
N VAL B 368 11.13 -1.14 6.65
CA VAL B 368 10.94 0.09 7.42
C VAL B 368 12.24 0.88 7.57
N VAL B 369 12.08 2.19 7.77
CA VAL B 369 13.20 3.14 7.87
C VAL B 369 13.39 3.56 9.33
N LEU B 370 14.64 3.53 9.81
CA LEU B 370 14.96 3.93 11.19
C LEU B 370 14.85 5.43 11.39
N VAL B 371 14.04 5.82 12.37
CA VAL B 371 13.85 7.23 12.75
C VAL B 371 14.40 7.45 14.15
N MET B 372 15.18 8.51 14.32
CA MET B 372 15.61 8.91 15.66
C MET B 372 15.27 10.37 15.88
N SER B 373 14.73 10.67 17.05
CA SER B 373 14.23 12.00 17.31
C SER B 373 14.36 12.42 18.76
N VAL B 374 14.32 13.73 18.98
CA VAL B 374 14.13 14.29 20.31
C VAL B 374 13.06 15.37 20.14
N TRP B 375 12.00 15.26 20.93
CA TRP B 375 10.82 16.11 20.76
C TRP B 375 10.07 16.38 22.06
N ASP B 376 9.27 17.44 22.05
CA ASP B 376 8.29 17.65 23.11
C ASP B 376 6.88 17.62 22.50
N ASP B 377 5.86 17.60 23.37
CA ASP B 377 4.49 17.27 22.95
C ASP B 377 3.54 18.46 23.05
N HIS B 378 3.12 18.96 21.89
CA HIS B 378 2.21 20.10 21.76
C HIS B 378 0.76 19.64 21.68
N GLU B 379 0.42 18.55 22.35
CA GLU B 379 -0.93 17.99 22.31
C GLU B 379 -1.29 17.30 23.63
N ALA B 380 -0.30 16.68 24.27
CA ALA B 380 -0.50 15.98 25.53
C ALA B 380 0.72 16.02 26.47
N ASN B 381 1.62 16.97 26.25
CA ASN B 381 2.77 17.23 27.14
C ASN B 381 3.62 16.03 27.52
N MET B 382 3.54 14.95 26.75
CA MET B 382 4.22 13.68 27.06
C MET B 382 3.67 12.98 28.31
N LEU B 383 2.48 13.41 28.74
CA LEU B 383 1.79 12.85 29.90
C LEU B 383 1.50 11.37 29.73
N TRP B 384 1.01 11.01 28.55
CA TRP B 384 0.75 9.63 28.14
C TRP B 384 1.96 8.72 28.34
N LEU B 385 3.16 9.30 28.39
CA LEU B 385 4.38 8.53 28.61
C LEU B 385 4.82 8.51 30.08
N ASP B 386 4.80 9.68 30.72
CA ASP B 386 5.49 9.86 32.01
C ASP B 386 4.64 10.45 33.14
N SER B 387 3.33 10.51 32.95
CA SER B 387 2.43 11.04 34.00
C SER B 387 1.12 10.25 34.07
N ASP B 388 0.06 10.91 34.54
CA ASP B 388 -1.27 10.31 34.57
C ASP B 388 -2.06 10.80 33.36
N TYR B 389 -2.73 9.87 32.68
CA TYR B 389 -3.40 10.15 31.42
C TYR B 389 -4.48 9.10 31.12
N PRO B 390 -5.65 9.55 30.62
CA PRO B 390 -6.06 10.94 30.46
C PRO B 390 -6.42 11.59 31.80
N THR B 391 -6.32 12.93 31.86
CA THR B 391 -6.62 13.68 33.09
C THR B 391 -8.07 13.52 33.55
N THR B 392 -8.96 13.23 32.61
CA THR B 392 -10.39 13.01 32.86
C THR B 392 -10.66 11.71 33.63
N SER B 393 -9.65 10.86 33.73
CA SER B 393 -9.76 9.59 34.45
C SER B 393 -9.15 9.67 35.86
N SER B 394 -9.67 8.86 36.76
CA SER B 394 -9.13 8.75 38.12
C SER B 394 -7.76 8.09 38.08
N ALA B 395 -6.86 8.54 38.96
CA ALA B 395 -5.49 8.00 39.03
C ALA B 395 -5.45 6.55 39.55
N SER B 396 -6.54 6.11 40.17
CA SER B 396 -6.65 4.75 40.67
C SER B 396 -7.03 3.75 39.56
N THR B 397 -7.50 4.26 38.43
CA THR B 397 -7.93 3.43 37.30
C THR B 397 -6.73 2.80 36.57
N PRO B 398 -6.77 1.46 36.38
CA PRO B 398 -5.68 0.75 35.71
C PRO B 398 -5.35 1.34 34.35
N GLY B 399 -4.08 1.65 34.15
CA GLY B 399 -3.59 2.18 32.87
C GLY B 399 -3.58 3.69 32.76
N VAL B 400 -3.78 4.38 33.88
CA VAL B 400 -3.78 5.85 33.89
C VAL B 400 -2.41 6.41 34.31
N ALA B 401 -1.83 5.84 35.37
CA ALA B 401 -0.48 6.23 35.80
C ALA B 401 0.58 5.58 34.89
N ARG B 402 1.33 6.43 34.20
CA ARG B 402 2.40 5.99 33.30
C ARG B 402 3.80 6.39 33.76
N GLY B 403 3.88 7.28 34.74
CA GLY B 403 5.17 7.70 35.29
C GLY B 403 5.08 8.65 36.46
N THR B 404 6.24 8.93 37.07
CA THR B 404 6.31 9.70 38.32
C THR B 404 6.26 11.23 38.11
N CYS B 405 6.30 11.66 36.85
CA CYS B 405 6.27 13.08 36.52
C CYS B 405 4.93 13.70 36.91
N ALA B 406 5.00 14.95 37.34
CA ALA B 406 3.81 15.73 37.70
C ALA B 406 2.90 15.93 36.49
N THR B 407 1.61 16.17 36.75
CA THR B 407 0.62 16.36 35.68
C THR B 407 0.74 17.72 35.01
N THR B 408 1.53 18.59 35.61
CA THR B 408 1.73 19.94 35.09
C THR B 408 3.00 20.00 34.23
N SER B 409 3.76 18.91 34.22
CA SER B 409 5.05 18.90 33.54
C SER B 409 4.92 18.86 32.01
N GLY B 410 6.06 19.01 31.34
CA GLY B 410 6.16 18.81 29.89
C GLY B 410 5.47 19.81 29.00
N VAL B 411 5.01 20.93 29.57
CA VAL B 411 4.40 22.02 28.79
C VAL B 411 5.49 22.64 27.91
N PRO B 412 5.32 22.58 26.57
CA PRO B 412 6.35 22.97 25.59
C PRO B 412 7.10 24.25 25.97
N ALA B 413 6.38 25.35 26.19
CA ALA B 413 6.98 26.62 26.63
C ALA B 413 7.91 26.47 27.83
N ASN B 414 7.47 25.69 28.81
CA ASN B 414 8.23 25.46 30.03
C ASN B 414 9.53 24.69 29.79
N VAL B 415 9.41 23.49 29.20
CA VAL B 415 10.58 22.63 28.99
C VAL B 415 11.58 23.22 27.98
N GLU B 416 11.07 24.00 27.03
CA GLU B 416 11.91 24.67 26.03
C GLU B 416 12.79 25.76 26.65
N SER B 417 12.24 26.48 27.64
CA SER B 417 12.95 27.53 28.35
C SER B 417 13.73 27.05 29.57
N GLN B 418 13.23 25.99 30.21
CA GLN B 418 13.77 25.49 31.48
C GLN B 418 14.75 24.33 31.29
N ASN B 419 14.53 23.55 30.22
CA ASN B 419 15.38 22.39 29.95
C ASN B 419 15.95 22.39 28.52
N PRO B 420 16.51 23.53 28.06
CA PRO B 420 16.92 23.62 26.67
C PRO B 420 18.15 22.75 26.37
N ASN B 421 18.98 22.51 27.37
CA ASN B 421 20.21 21.72 27.19
C ASN B 421 19.99 20.21 27.25
N SER B 422 18.74 19.79 27.18
CA SER B 422 18.38 18.37 27.13
C SER B 422 18.87 17.72 25.86
N SER B 423 19.29 16.46 25.97
CA SER B 423 19.82 15.73 24.84
C SER B 423 19.63 14.23 25.01
N VAL B 424 19.65 13.52 23.89
CA VAL B 424 19.67 12.07 23.90
C VAL B 424 20.87 11.60 23.10
N VAL B 425 21.55 10.58 23.63
CA VAL B 425 22.62 9.95 22.90
C VAL B 425 22.18 8.53 22.56
N PHE B 426 22.00 8.27 21.26
CA PHE B 426 21.78 6.93 20.73
C PHE B 426 23.09 6.42 20.16
N SER B 427 23.51 5.25 20.60
CA SER B 427 24.79 4.72 20.14
C SER B 427 24.76 3.21 19.94
N ASN B 428 25.82 2.69 19.32
CA ASN B 428 26.07 1.27 19.23
C ASN B 428 24.83 0.50 18.73
N ILE B 429 24.26 0.99 17.62
CA ILE B 429 23.16 0.31 16.93
C ILE B 429 23.65 -1.01 16.35
N LYS B 430 22.90 -2.09 16.61
CA LYS B 430 23.21 -3.39 16.05
C LYS B 430 21.98 -4.07 15.47
N ILE B 431 22.19 -4.83 14.41
CA ILE B 431 21.15 -5.67 13.82
C ILE B 431 21.72 -7.03 13.43
N GLY B 432 20.94 -8.07 13.69
CA GLY B 432 21.35 -9.41 13.36
C GLY B 432 20.28 -10.39 13.82
N PRO B 433 20.57 -11.70 13.71
CA PRO B 433 19.66 -12.75 14.14
C PRO B 433 19.40 -12.69 15.64
N ILE B 434 18.36 -13.39 16.09
CA ILE B 434 17.99 -13.40 17.49
C ILE B 434 19.14 -13.97 18.33
N GLY B 435 19.58 -13.18 19.31
CA GLY B 435 20.66 -13.56 20.21
C GLY B 435 22.02 -12.95 19.88
N SER B 436 22.16 -12.46 18.65
CA SER B 436 23.45 -12.06 18.10
C SER B 436 23.98 -10.69 18.55
N THR B 437 23.10 -9.87 19.09
CA THR B 437 23.44 -8.45 19.31
C THR B 437 23.89 -8.10 20.73
N TYR B 438 23.89 -9.07 21.64
CA TYR B 438 24.28 -8.81 23.03
C TYR B 438 25.05 -9.99 23.66
N THR B 439 25.60 -9.76 24.84
CA THR B 439 26.27 -10.81 25.62
C THR B 439 25.34 -11.34 26.71
N ALA B 440 25.00 -12.62 26.60
CA ALA B 440 24.13 -13.29 27.59
C ALA B 440 24.90 -13.58 28.88
#